data_2PED
#
_entry.id   2PED
#
_cell.length_a   95.960
_cell.length_b   95.960
_cell.length_c   150.840
_cell.angle_alpha   90.00
_cell.angle_beta   90.00
_cell.angle_gamma   90.00
#
_symmetry.space_group_name_H-M   'P 41'
#
loop_
_entity.id
_entity.type
_entity.pdbx_description
1 polymer Rhodopsin
2 branched alpha-D-mannopyranose-(1-4)-2-acetamido-2-deoxy-beta-D-glucopyranose-(1-4)-2-acetamido-2-deoxy-beta-D-glucopyranose
3 branched 2-acetamido-2-deoxy-beta-D-glucopyranose-(1-4)-2-acetamido-2-deoxy-beta-D-glucopyranose
4 branched beta-D-mannopyranose-(1-3)-beta-D-mannopyranose-(1-4)-2-acetamido-2-deoxy-beta-D-glucopyranose-(1-4)-2-acetamido-2-deoxy-beta-D-glucopyranose
5 non-polymer 'MERCURY (II) ION'
6 non-polymer 'ZINC ION'
7 non-polymer RETINAL
8 non-polymer 'PALMITIC ACID'
9 non-polymer 'heptyl 1-thio-beta-D-glucopyranoside'
10 non-polymer HEPTANE-1,2,3-TRIOL
11 water water
#
_entity_poly.entity_id   1
_entity_poly.type   'polypeptide(L)'
_entity_poly.pdbx_seq_one_letter_code
;(ACE)MNGTEGPNFYVPFSNKTGVVRSPFEAPQYYLAEPWQFSMLAAYMFLLIMLGFPINFLTLYVTVQHKKLRTPLNYI
LLNLAVADLFMVFGGFTTTLYTSLHGYFVFGPTGCNLEGFFATLGGEIALWSLVVLAIERYVVVCKPMSNFRFGENHAIM
GVAFTWVMALACAAPPLVGWSRYIPEGMQCSCGIDYYTPHEETNNESFVIYMFVVHFIIPLIVIFFCYGQLVFTVKEAAA
QQQESATTQKAEKEVTRMVIIMVIAFLICWLPYAGVAFYIFTHQGSDFGPIFMTIPAFFAKTSAVYNPVIYIMMNKQFRN
CMVTTLCCGKNPLGDDEASTTVSKTETSQVAPA
;
_entity_poly.pdbx_strand_id   A,B
#
loop_
_chem_comp.id
_chem_comp.type
_chem_comp.name
_chem_comp.formula
ACE non-polymer 'ACETYL GROUP' 'C2 H4 O'
BMA D-saccharide, beta linking beta-D-mannopyranose 'C6 H12 O6'
HG non-polymer 'MERCURY (II) ION' 'Hg 2'
HTG D-saccharide 'heptyl 1-thio-beta-D-glucopyranoside' 'C13 H26 O5 S'
HTO non-polymer HEPTANE-1,2,3-TRIOL 'C7 H16 O3'
MAN D-saccharide, alpha linking alpha-D-mannopyranose 'C6 H12 O6'
NAG D-saccharide, beta linking 2-acetamido-2-deoxy-beta-D-glucopyranose 'C8 H15 N O6'
PLM non-polymer 'PALMITIC ACID' 'C16 H32 O2'
RET non-polymer RETINAL 'C20 H28 O'
ZN non-polymer 'ZINC ION' 'Zn 2'
#
# COMPACT_ATOMS: atom_id res chain seq x y z
C ACE A 1 25.51 28.11 -18.12
O ACE A 1 25.86 26.98 -18.46
CH3 ACE A 1 25.47 29.23 -19.13
N MET A 2 25.16 28.44 -16.89
CA MET A 2 25.14 27.48 -15.78
C MET A 2 24.08 26.43 -16.04
N ASN A 3 24.33 25.20 -15.63
CA ASN A 3 23.39 24.08 -15.82
C ASN A 3 22.21 24.20 -14.91
N GLY A 4 22.40 24.81 -13.74
CA GLY A 4 21.30 24.95 -12.82
C GLY A 4 21.23 26.35 -12.28
N THR A 5 20.21 26.62 -11.49
CA THR A 5 20.03 27.93 -10.91
C THR A 5 20.28 27.90 -9.44
N GLU A 6 21.50 28.23 -9.02
CA GLU A 6 21.81 28.27 -7.61
C GLU A 6 21.23 29.53 -7.05
N GLY A 7 20.55 29.43 -5.92
CA GLY A 7 19.98 30.61 -5.28
C GLY A 7 20.67 30.64 -3.96
N PRO A 8 20.41 31.62 -3.10
CA PRO A 8 21.12 31.62 -1.82
C PRO A 8 20.66 30.54 -0.85
N ASN A 9 19.46 30.07 -1.11
CA ASN A 9 18.76 29.11 -0.30
C ASN A 9 18.63 27.77 -0.98
N PHE A 10 18.80 27.76 -2.30
CA PHE A 10 18.53 26.56 -3.07
C PHE A 10 19.47 26.37 -4.24
N TYR A 11 19.09 25.38 -5.04
CA TYR A 11 19.78 25.00 -6.25
C TYR A 11 18.78 24.27 -7.14
N VAL A 12 18.09 24.99 -8.02
CA VAL A 12 17.13 24.36 -8.90
C VAL A 12 17.90 23.72 -10.03
N PRO A 13 17.63 22.43 -10.31
CA PRO A 13 18.30 21.67 -11.37
C PRO A 13 17.72 22.02 -12.75
N PHE A 14 17.64 23.31 -13.04
CA PHE A 14 17.07 23.77 -14.29
C PHE A 14 17.76 25.05 -14.73
N SER A 15 18.10 25.15 -16.02
CA SER A 15 18.77 26.33 -16.50
C SER A 15 17.79 27.47 -16.45
N ASN A 16 18.28 28.70 -16.24
CA ASN A 16 17.41 29.88 -16.17
C ASN A 16 17.71 30.77 -17.36
N LYS A 17 18.05 30.14 -18.49
CA LYS A 17 18.35 30.87 -19.72
C LYS A 17 17.09 31.58 -20.13
N THR A 18 15.95 30.92 -19.96
CA THR A 18 14.64 31.48 -20.30
C THR A 18 14.09 32.28 -19.13
N GLY A 19 14.89 32.46 -18.08
CA GLY A 19 14.45 33.21 -16.92
C GLY A 19 13.07 32.82 -16.42
N VAL A 20 12.80 31.52 -16.39
CA VAL A 20 11.53 30.99 -15.95
C VAL A 20 11.70 30.25 -14.63
N VAL A 21 12.90 30.27 -14.09
CA VAL A 21 13.21 29.57 -12.84
C VAL A 21 12.86 30.47 -11.68
N ARG A 22 12.20 29.91 -10.68
CA ARG A 22 11.82 30.68 -9.50
C ARG A 22 12.11 29.91 -8.25
N SER A 23 12.43 30.61 -7.17
CA SER A 23 12.74 30.01 -5.88
C SER A 23 11.68 29.01 -5.46
N PRO A 24 12.10 27.80 -5.08
CA PRO A 24 11.13 26.79 -4.66
C PRO A 24 10.58 27.12 -3.29
N PHE A 25 10.82 28.34 -2.79
CA PHE A 25 10.30 28.80 -1.49
C PHE A 25 9.40 29.96 -1.76
N GLU A 26 9.09 30.23 -3.04
CA GLU A 26 8.25 31.37 -3.40
C GLU A 26 7.22 31.09 -4.48
N ALA A 27 7.42 30.12 -5.36
CA ALA A 27 6.42 29.90 -6.41
C ALA A 27 6.44 28.48 -6.94
N PRO A 28 5.33 28.01 -7.54
CA PRO A 28 5.24 26.66 -8.08
C PRO A 28 6.42 26.35 -8.96
N GLN A 29 6.79 25.08 -9.02
CA GLN A 29 7.91 24.64 -9.84
C GLN A 29 7.39 23.90 -11.07
N TYR A 30 6.16 24.18 -11.46
CA TYR A 30 5.54 23.50 -12.60
C TYR A 30 6.31 23.69 -13.85
N TYR A 31 7.30 24.54 -13.84
CA TYR A 31 8.05 24.73 -15.07
C TYR A 31 9.11 23.66 -15.20
N LEU A 32 9.23 22.78 -14.22
CA LEU A 32 10.24 21.72 -14.22
C LEU A 32 9.68 20.40 -14.66
N ALA A 33 8.35 20.26 -14.56
CA ALA A 33 7.70 19.03 -14.90
C ALA A 33 6.23 19.26 -14.98
N GLU A 34 5.52 18.42 -15.72
CA GLU A 34 4.08 18.56 -15.83
C GLU A 34 3.45 18.68 -14.47
N PRO A 35 2.35 19.46 -14.35
CA PRO A 35 1.69 19.62 -13.06
C PRO A 35 1.04 18.34 -12.55
N TRP A 36 0.61 17.45 -13.46
CA TRP A 36 -0.02 16.19 -13.06
C TRP A 36 0.92 15.37 -12.24
N GLN A 37 2.20 15.38 -12.63
CA GLN A 37 3.23 14.64 -11.94
C GLN A 37 3.40 15.15 -10.53
N PHE A 38 3.09 16.42 -10.28
CA PHE A 38 3.19 16.88 -8.91
C PHE A 38 2.02 16.27 -8.18
N SER A 39 0.85 16.22 -8.83
CA SER A 39 -0.36 15.62 -8.23
C SER A 39 -0.02 14.18 -7.86
N MET A 40 0.71 13.54 -8.77
CA MET A 40 1.20 12.19 -8.62
C MET A 40 1.87 12.09 -7.30
N LEU A 41 2.93 12.87 -7.11
CA LEU A 41 3.68 12.87 -5.85
C LEU A 41 2.76 13.07 -4.67
N ALA A 42 1.85 14.04 -4.79
CA ALA A 42 0.89 14.35 -3.75
C ALA A 42 0.00 13.14 -3.47
N ALA A 43 -0.52 12.48 -4.50
CA ALA A 43 -1.35 11.33 -4.23
C ALA A 43 -0.53 10.26 -3.56
N TYR A 44 0.74 10.18 -3.95
CA TYR A 44 1.65 9.21 -3.37
C TYR A 44 1.83 9.44 -1.86
N MET A 45 2.25 10.64 -1.45
CA MET A 45 2.46 10.95 -0.03
C MET A 45 1.19 10.74 0.77
N PHE A 46 0.05 10.99 0.13
CA PHE A 46 -1.24 10.83 0.75
C PHE A 46 -1.42 9.36 1.12
N LEU A 47 -1.14 8.48 0.16
CA LEU A 47 -1.27 7.04 0.37
C LEU A 47 -0.27 6.59 1.41
N LEU A 48 0.99 6.98 1.28
CA LEU A 48 2.02 6.61 2.26
C LEU A 48 1.59 7.02 3.65
N ILE A 49 0.97 8.19 3.80
CA ILE A 49 0.56 8.64 5.12
C ILE A 49 -0.55 7.76 5.60
N MET A 50 -1.46 7.42 4.70
CA MET A 50 -2.61 6.61 5.04
C MET A 50 -2.24 5.16 5.31
N LEU A 51 -1.02 4.76 4.97
CA LEU A 51 -0.54 3.41 5.23
C LEU A 51 0.40 3.46 6.41
N GLY A 52 1.26 4.47 6.42
CA GLY A 52 2.24 4.60 7.47
C GLY A 52 1.70 4.89 8.84
N PHE A 53 0.60 5.64 8.93
CA PHE A 53 0.08 5.97 10.25
C PHE A 53 -0.47 4.74 10.92
N PRO A 54 -1.51 4.13 10.34
CA PRO A 54 -2.07 2.94 10.98
C PRO A 54 -1.06 1.83 11.28
N ILE A 55 -0.26 1.44 10.30
CA ILE A 55 0.73 0.36 10.43
C ILE A 55 1.73 0.62 11.51
N ASN A 56 2.11 1.87 11.73
CA ASN A 56 3.11 2.16 12.73
C ASN A 56 2.50 2.39 14.07
N PHE A 57 1.30 2.94 14.11
CA PHE A 57 0.64 3.15 15.39
C PHE A 57 0.19 1.81 15.94
N LEU A 58 -0.38 0.98 15.07
CA LEU A 58 -0.85 -0.36 15.42
C LEU A 58 0.29 -1.13 16.01
N THR A 59 1.48 -1.03 15.42
CA THR A 59 2.65 -1.71 15.96
C THR A 59 2.92 -1.16 17.35
N LEU A 60 3.06 0.16 17.45
CA LEU A 60 3.30 0.81 18.73
C LEU A 60 2.29 0.33 19.78
N TYR A 61 1.02 0.42 19.45
CA TYR A 61 -0.01 0.02 20.39
C TYR A 61 0.11 -1.44 20.80
N VAL A 62 0.39 -2.35 19.89
CA VAL A 62 0.50 -3.75 20.30
C VAL A 62 1.67 -3.96 21.26
N THR A 63 2.88 -3.57 20.85
CA THR A 63 4.07 -3.74 21.68
C THR A 63 3.80 -3.32 23.13
N VAL A 64 3.09 -2.21 23.31
CA VAL A 64 2.83 -1.75 24.67
C VAL A 64 1.86 -2.66 25.37
N GLN A 65 0.65 -2.79 24.82
CA GLN A 65 -0.44 -3.60 25.38
C GLN A 65 0.01 -4.96 25.88
N HIS A 66 0.92 -5.61 25.16
CA HIS A 66 1.41 -6.94 25.54
C HIS A 66 2.67 -6.87 26.35
N LYS A 67 2.51 -6.92 27.67
CA LYS A 67 3.61 -6.78 28.62
C LYS A 67 4.72 -7.82 28.52
N LYS A 68 4.62 -8.80 27.64
CA LYS A 68 5.69 -9.80 27.54
C LYS A 68 6.50 -9.64 26.27
N LEU A 69 6.25 -8.60 25.50
CA LEU A 69 7.03 -8.36 24.28
C LEU A 69 8.09 -7.39 24.68
N ARG A 70 9.21 -7.88 25.19
CA ARG A 70 10.25 -6.98 25.65
C ARG A 70 11.64 -7.43 25.23
N THR A 71 11.72 -8.23 24.19
CA THR A 71 13.02 -8.68 23.71
C THR A 71 13.73 -7.47 23.10
N PRO A 72 15.06 -7.53 22.95
CA PRO A 72 15.74 -6.39 22.35
C PRO A 72 15.06 -6.02 21.03
N LEU A 73 14.66 -7.04 20.25
CA LEU A 73 13.99 -6.81 18.98
C LEU A 73 12.71 -6.04 19.19
N ASN A 74 11.88 -6.47 20.13
CA ASN A 74 10.61 -5.76 20.38
C ASN A 74 10.90 -4.30 20.70
N TYR A 75 11.95 -4.02 21.48
CA TYR A 75 12.30 -2.64 21.79
C TYR A 75 12.68 -1.88 20.52
N ILE A 76 13.59 -2.45 19.73
CA ILE A 76 14.06 -1.85 18.49
C ILE A 76 12.92 -1.58 17.51
N LEU A 77 12.00 -2.53 17.36
CA LEU A 77 10.95 -2.29 16.41
C LEU A 77 9.94 -1.35 16.97
N LEU A 78 9.90 -1.20 18.29
CA LEU A 78 8.99 -0.23 18.88
C LEU A 78 9.62 1.11 18.61
N ASN A 79 10.94 1.15 18.67
CA ASN A 79 11.68 2.38 18.42
C ASN A 79 11.46 2.82 17.00
N LEU A 80 11.51 1.91 16.03
CA LEU A 80 11.30 2.24 14.60
C LEU A 80 9.91 2.79 14.35
N ALA A 81 8.91 2.10 14.85
CA ALA A 81 7.53 2.51 14.67
C ALA A 81 7.36 3.95 15.14
N VAL A 82 8.04 4.32 16.21
CA VAL A 82 7.95 5.67 16.73
C VAL A 82 8.61 6.63 15.74
N ALA A 83 9.78 6.27 15.25
CA ALA A 83 10.52 7.09 14.32
C ALA A 83 9.69 7.23 13.06
N ASP A 84 8.97 6.18 12.69
CA ASP A 84 8.14 6.22 11.48
C ASP A 84 6.95 7.11 11.69
N LEU A 85 6.42 7.20 12.90
CA LEU A 85 5.29 8.08 13.10
C LEU A 85 5.79 9.48 12.98
N PHE A 86 7.02 9.71 13.44
CA PHE A 86 7.65 11.04 13.36
C PHE A 86 7.85 11.41 11.90
N MET A 87 8.28 10.44 11.11
CA MET A 87 8.47 10.66 9.69
C MET A 87 7.16 11.02 9.04
N VAL A 88 6.08 10.34 9.41
CA VAL A 88 4.77 10.60 8.85
C VAL A 88 4.26 11.97 9.21
N PHE A 89 3.98 12.25 10.47
CA PHE A 89 3.43 13.57 10.83
C PHE A 89 4.48 14.62 10.87
N GLY A 90 5.73 14.21 11.14
CA GLY A 90 6.81 15.18 11.19
C GLY A 90 7.19 15.76 9.85
N GLY A 91 7.34 14.91 8.85
CA GLY A 91 7.74 15.43 7.56
C GLY A 91 6.84 15.11 6.39
N PHE A 92 6.17 13.97 6.40
CA PHE A 92 5.34 13.63 5.24
C PHE A 92 4.22 14.61 5.13
N THR A 93 3.77 15.12 6.25
CA THR A 93 2.70 16.09 6.21
C THR A 93 3.18 17.31 5.42
N THR A 94 4.41 17.74 5.60
CA THR A 94 4.87 18.89 4.82
C THR A 94 5.10 18.50 3.38
N THR A 95 5.70 17.34 3.13
CA THR A 95 5.99 16.91 1.77
C THR A 95 4.72 16.70 0.99
N LEU A 96 3.59 16.52 1.65
CA LEU A 96 2.32 16.36 0.93
C LEU A 96 1.80 17.73 0.58
N TYR A 97 1.87 18.62 1.56
CA TYR A 97 1.40 19.97 1.39
C TYR A 97 2.17 20.63 0.28
N THR A 98 3.48 20.44 0.30
CA THR A 98 4.39 21.01 -0.68
C THR A 98 4.12 20.50 -2.06
N SER A 99 3.88 19.20 -2.21
CA SER A 99 3.59 18.60 -3.51
C SER A 99 2.36 19.23 -4.08
N LEU A 100 1.33 19.34 -3.24
CA LEU A 100 0.05 19.92 -3.64
C LEU A 100 0.21 21.31 -4.24
N HIS A 101 1.11 22.12 -3.69
CA HIS A 101 1.30 23.47 -4.21
C HIS A 101 2.44 23.61 -5.21
N GLY A 102 3.27 22.60 -5.38
CA GLY A 102 4.37 22.71 -6.33
C GLY A 102 5.65 23.34 -5.79
N TYR A 103 5.60 23.80 -4.55
CA TYR A 103 6.77 24.41 -3.94
C TYR A 103 6.63 24.47 -2.45
N PHE A 104 7.74 24.69 -1.76
CA PHE A 104 7.76 24.78 -0.32
C PHE A 104 7.16 26.08 0.10
N VAL A 105 5.84 26.13 0.22
CA VAL A 105 5.17 27.34 0.65
C VAL A 105 5.63 27.70 2.08
N PHE A 106 5.97 26.74 2.93
CA PHE A 106 6.42 27.12 4.26
C PHE A 106 7.87 27.53 4.24
N GLY A 107 8.40 27.72 3.04
CA GLY A 107 9.77 28.14 2.91
C GLY A 107 10.80 27.24 3.59
N PRO A 108 12.00 27.75 3.84
CA PRO A 108 13.02 26.93 4.48
C PRO A 108 12.57 26.15 5.70
N THR A 109 11.54 26.61 6.41
CA THR A 109 11.10 25.84 7.56
C THR A 109 10.54 24.53 7.06
N GLY A 110 9.58 24.62 6.15
CA GLY A 110 9.00 23.43 5.56
C GLY A 110 10.07 22.49 5.05
N CYS A 111 11.13 23.05 4.49
CA CYS A 111 12.24 22.28 3.94
C CYS A 111 13.01 21.62 5.04
N ASN A 112 13.11 22.28 6.19
CA ASN A 112 13.82 21.73 7.34
C ASN A 112 13.01 20.62 8.00
N LEU A 113 11.69 20.78 8.02
CA LEU A 113 10.80 19.78 8.61
C LEU A 113 10.82 18.53 7.79
N GLU A 114 10.70 18.72 6.48
CA GLU A 114 10.69 17.62 5.51
C GLU A 114 12.01 16.90 5.58
N GLY A 115 13.09 17.64 5.40
CA GLY A 115 14.41 17.05 5.42
C GLY A 115 14.81 16.45 6.75
N PHE A 116 14.63 17.19 7.84
CA PHE A 116 15.02 16.70 9.16
C PHE A 116 14.39 15.36 9.49
N PHE A 117 13.07 15.29 9.49
CA PHE A 117 12.42 14.06 9.85
C PHE A 117 12.73 12.90 8.89
N ALA A 118 13.06 13.16 7.63
CA ALA A 118 13.36 12.05 6.73
C ALA A 118 14.73 11.52 7.08
N THR A 119 15.63 12.42 7.42
CA THR A 119 16.97 12.00 7.78
C THR A 119 16.91 11.28 9.09
N LEU A 120 16.27 11.89 10.08
CA LEU A 120 16.11 11.27 11.40
C LEU A 120 15.48 9.89 11.24
N GLY A 121 14.49 9.80 10.37
CA GLY A 121 13.82 8.53 10.15
C GLY A 121 14.79 7.51 9.64
N GLY A 122 15.54 7.86 8.61
CA GLY A 122 16.51 6.93 8.03
C GLY A 122 17.71 6.54 8.91
N GLU A 123 18.37 7.51 9.53
CA GLU A 123 19.48 7.21 10.39
C GLU A 123 19.05 6.36 11.57
N ILE A 124 17.89 6.61 12.17
CA ILE A 124 17.47 5.78 13.30
C ILE A 124 17.31 4.36 12.82
N ALA A 125 16.89 4.19 11.58
CA ALA A 125 16.72 2.85 11.03
C ALA A 125 18.06 2.21 10.86
N LEU A 126 18.94 2.93 10.19
CA LEU A 126 20.31 2.46 9.94
C LEU A 126 21.00 2.13 11.23
N TRP A 127 20.90 3.02 12.23
CA TRP A 127 21.54 2.75 13.50
C TRP A 127 20.83 1.65 14.27
N SER A 128 19.52 1.50 14.08
CA SER A 128 18.85 0.42 14.78
C SER A 128 19.31 -0.89 14.20
N LEU A 129 19.79 -0.87 12.95
CA LEU A 129 20.28 -2.08 12.28
C LEU A 129 21.59 -2.57 12.86
N VAL A 130 22.42 -1.67 13.36
CA VAL A 130 23.70 -2.04 13.96
C VAL A 130 23.42 -2.72 15.28
N VAL A 131 22.59 -2.08 16.10
CA VAL A 131 22.19 -2.61 17.40
C VAL A 131 21.70 -4.04 17.18
N LEU A 132 20.86 -4.24 16.17
CA LEU A 132 20.38 -5.58 15.90
C LEU A 132 21.55 -6.48 15.46
N ALA A 133 22.47 -5.94 14.65
CA ALA A 133 23.61 -6.73 14.17
C ALA A 133 24.45 -7.19 15.34
N ILE A 134 24.64 -6.33 16.33
CA ILE A 134 25.41 -6.63 17.53
C ILE A 134 24.67 -7.65 18.36
N GLU A 135 23.45 -7.32 18.76
CA GLU A 135 22.61 -8.22 19.57
C GLU A 135 22.56 -9.58 18.94
N ARG A 136 22.40 -9.63 17.64
CA ARG A 136 22.32 -10.90 16.95
C ARG A 136 23.63 -11.64 17.06
N TYR A 137 24.73 -10.89 17.13
CA TYR A 137 26.05 -11.49 17.22
C TYR A 137 26.24 -12.02 18.59
N VAL A 138 25.78 -11.28 19.58
CA VAL A 138 25.93 -11.68 20.96
C VAL A 138 25.13 -12.92 21.28
N VAL A 139 24.04 -13.19 20.57
CA VAL A 139 23.26 -14.38 20.90
C VAL A 139 23.58 -15.53 20.00
N VAL A 140 24.28 -15.30 18.89
CA VAL A 140 24.61 -16.40 17.99
C VAL A 140 26.05 -16.84 18.16
N CYS A 141 26.98 -15.91 18.30
CA CYS A 141 28.36 -16.28 18.50
C CYS A 141 28.65 -16.13 19.98
N LYS A 142 27.57 -15.87 20.72
CA LYS A 142 27.53 -15.70 22.18
C LYS A 142 28.88 -15.38 22.82
N PRO A 143 29.39 -14.15 22.62
CA PRO A 143 30.68 -13.69 23.16
C PRO A 143 30.93 -13.98 24.64
N MET A 144 29.86 -14.09 25.43
CA MET A 144 29.98 -14.41 26.85
C MET A 144 29.50 -15.83 27.08
N SER A 145 29.66 -16.33 28.30
CA SER A 145 29.23 -17.69 28.63
C SER A 145 27.88 -17.66 29.30
N ASN A 146 27.54 -16.51 29.88
CA ASN A 146 26.27 -16.37 30.58
C ASN A 146 25.73 -14.96 30.47
N PHE A 147 25.83 -14.35 29.29
CA PHE A 147 25.33 -13.00 29.12
C PHE A 147 23.94 -12.99 28.50
N ARG A 148 23.11 -12.05 28.95
CA ARG A 148 21.74 -11.89 28.47
C ARG A 148 21.31 -10.43 28.54
N PHE A 149 21.06 -9.83 27.37
CA PHE A 149 20.62 -8.44 27.26
C PHE A 149 19.36 -8.22 28.07
N GLY A 150 19.30 -7.14 28.83
CA GLY A 150 18.12 -6.87 29.62
C GLY A 150 17.36 -5.72 28.97
N GLU A 151 16.20 -5.37 29.50
CA GLU A 151 15.44 -4.27 28.94
C GLU A 151 16.27 -3.03 29.05
N ASN A 152 17.16 -3.04 30.03
CA ASN A 152 18.05 -1.93 30.29
C ASN A 152 18.99 -1.75 29.10
N HIS A 153 19.54 -2.85 28.61
CA HIS A 153 20.46 -2.81 27.47
C HIS A 153 19.75 -2.37 26.21
N ALA A 154 18.51 -2.81 26.02
CA ALA A 154 17.73 -2.45 24.85
C ALA A 154 17.46 -0.98 24.88
N ILE A 155 17.13 -0.46 26.05
CA ILE A 155 16.85 0.95 26.20
C ILE A 155 18.13 1.73 25.93
N MET A 156 19.27 1.04 25.96
CA MET A 156 20.55 1.67 25.69
C MET A 156 20.69 1.79 24.20
N GLY A 157 20.45 0.68 23.52
CA GLY A 157 20.54 0.64 22.07
C GLY A 157 19.62 1.66 21.47
N VAL A 158 18.42 1.77 22.01
CA VAL A 158 17.46 2.75 21.50
C VAL A 158 17.97 4.14 21.71
N ALA A 159 18.41 4.47 22.91
CA ALA A 159 18.91 5.83 23.18
C ALA A 159 20.12 6.09 22.26
N PHE A 160 20.84 5.04 21.94
CA PHE A 160 22.01 5.13 21.08
C PHE A 160 21.59 5.58 19.68
N THR A 161 20.74 4.81 19.02
CA THR A 161 20.30 5.13 17.66
C THR A 161 19.82 6.56 17.56
N TRP A 162 19.25 7.13 18.63
CA TRP A 162 18.78 8.51 18.57
C TRP A 162 19.91 9.49 18.75
N VAL A 163 20.91 9.16 19.55
CA VAL A 163 22.01 10.09 19.69
C VAL A 163 22.71 10.14 18.37
N MET A 164 22.95 8.97 17.78
CA MET A 164 23.60 8.90 16.46
C MET A 164 22.80 9.64 15.42
N ALA A 165 21.51 9.33 15.33
CA ALA A 165 20.62 9.97 14.36
C ALA A 165 20.51 11.46 14.60
N LEU A 166 20.41 11.91 15.85
CA LEU A 166 20.33 13.34 16.09
C LEU A 166 21.63 13.98 15.65
N ALA A 167 22.71 13.22 15.83
CA ALA A 167 24.05 13.67 15.45
C ALA A 167 24.13 14.16 14.02
N CYS A 168 23.63 13.42 13.02
CA CYS A 168 23.75 13.94 11.65
C CYS A 168 22.52 14.63 11.16
N ALA A 169 21.43 14.63 11.90
CA ALA A 169 20.23 15.28 11.39
C ALA A 169 19.96 16.61 12.03
N ALA A 170 20.57 16.92 13.18
CA ALA A 170 20.32 18.20 13.84
C ALA A 170 21.27 19.30 13.35
N PRO A 171 22.56 19.00 13.14
CA PRO A 171 23.55 19.98 12.68
C PRO A 171 23.10 20.93 11.58
N PRO A 172 22.39 20.43 10.56
CA PRO A 172 21.90 21.29 9.45
C PRO A 172 20.85 22.34 9.83
N LEU A 173 20.42 22.33 11.09
CA LEU A 173 19.42 23.25 11.60
C LEU A 173 20.11 24.41 12.30
N VAL A 174 21.36 24.16 12.68
CA VAL A 174 22.17 25.11 13.43
C VAL A 174 23.48 25.48 12.74
N GLY A 175 23.49 25.64 11.43
CA GLY A 175 24.73 26.06 10.79
C GLY A 175 25.67 25.09 10.09
N TRP A 176 25.69 23.82 10.44
CA TRP A 176 26.58 22.93 9.71
C TRP A 176 25.79 22.31 8.61
N SER A 177 26.04 22.78 7.39
CA SER A 177 25.31 22.34 6.19
C SER A 177 23.88 22.81 6.31
N ARG A 178 23.02 22.40 5.38
CA ARG A 178 21.63 22.84 5.43
C ARG A 178 20.74 21.89 4.66
N TYR A 179 19.43 22.06 4.80
CA TYR A 179 18.46 21.25 4.09
C TYR A 179 18.06 22.10 2.92
N ILE A 180 17.99 21.50 1.74
CA ILE A 180 17.70 22.23 0.54
C ILE A 180 16.82 21.37 -0.35
N PRO A 181 15.82 21.95 -1.01
CA PRO A 181 14.92 21.18 -1.90
C PRO A 181 15.64 20.37 -2.98
N GLU A 182 15.11 19.20 -3.35
CA GLU A 182 15.76 18.39 -4.39
C GLU A 182 14.77 17.92 -5.47
N GLY A 183 15.30 17.51 -6.63
CA GLY A 183 14.44 17.04 -7.70
C GLY A 183 13.40 18.06 -8.04
N MET A 184 12.13 17.66 -8.05
CA MET A 184 11.03 18.59 -8.36
C MET A 184 10.86 19.67 -7.31
N GLN A 185 11.69 19.64 -6.27
CA GLN A 185 11.68 20.61 -5.19
C GLN A 185 10.53 20.37 -4.18
N CYS A 186 10.04 19.15 -4.05
CA CYS A 186 8.97 18.91 -3.08
C CYS A 186 9.45 18.11 -1.89
N SER A 187 10.75 17.87 -1.84
CA SER A 187 11.39 17.16 -0.74
C SER A 187 12.70 17.85 -0.46
N CYS A 188 13.25 17.63 0.72
CA CYS A 188 14.50 18.27 1.08
C CYS A 188 15.51 17.28 1.57
N GLY A 189 16.75 17.48 1.17
CA GLY A 189 17.83 16.61 1.59
C GLY A 189 19.00 17.47 2.04
N ILE A 190 20.13 16.85 2.33
CA ILE A 190 21.30 17.61 2.75
C ILE A 190 21.79 18.39 1.56
N ASP A 191 22.70 19.31 1.75
CA ASP A 191 23.17 20.07 0.61
C ASP A 191 24.37 19.43 -0.01
N TYR A 192 24.17 18.75 -1.14
CA TYR A 192 25.26 18.10 -1.87
C TYR A 192 25.57 18.90 -3.10
N TYR A 193 24.68 19.85 -3.38
CA TYR A 193 24.70 20.68 -4.57
C TYR A 193 25.71 21.80 -4.61
N THR A 194 25.73 22.68 -3.62
CA THR A 194 26.62 23.82 -3.62
C THR A 194 27.74 23.66 -2.60
N PRO A 195 28.89 24.31 -2.83
CA PRO A 195 30.01 24.21 -1.88
C PRO A 195 29.77 25.07 -0.65
N HIS A 196 28.90 26.08 -0.79
CA HIS A 196 28.53 27.02 0.28
C HIS A 196 29.46 26.91 1.50
N GLU A 197 30.59 27.60 1.44
CA GLU A 197 31.58 27.56 2.52
C GLU A 197 31.02 28.20 3.77
N GLU A 198 30.13 29.16 3.58
CA GLU A 198 29.52 29.92 4.67
C GLU A 198 28.87 29.01 5.70
N THR A 199 28.73 27.73 5.40
CA THR A 199 28.03 26.81 6.31
C THR A 199 28.71 25.43 6.32
N ASN A 200 29.87 25.34 5.65
CA ASN A 200 30.71 24.11 5.57
C ASN A 200 29.99 22.90 5.05
N ASN A 201 29.50 22.98 3.81
CA ASN A 201 28.74 21.90 3.20
C ASN A 201 29.60 20.74 2.80
N GLU A 202 30.77 21.01 2.26
CA GLU A 202 31.59 19.91 1.79
C GLU A 202 32.12 19.04 2.93
N SER A 203 32.44 19.60 4.09
CA SER A 203 32.94 18.77 5.18
C SER A 203 31.84 17.88 5.75
N PHE A 204 30.66 18.46 5.96
CA PHE A 204 29.52 17.71 6.49
C PHE A 204 29.12 16.51 5.60
N VAL A 205 29.14 16.67 4.28
CA VAL A 205 28.77 15.57 3.37
C VAL A 205 29.74 14.38 3.50
N ILE A 206 31.01 14.68 3.71
CA ILE A 206 32.01 13.62 3.86
C ILE A 206 31.78 12.95 5.16
N TYR A 207 31.69 13.76 6.21
CA TYR A 207 31.45 13.23 7.54
C TYR A 207 30.23 12.32 7.45
N MET A 208 29.15 12.81 6.88
CA MET A 208 27.94 12.00 6.78
C MET A 208 28.14 10.71 6.00
N PHE A 209 28.78 10.77 4.84
CA PHE A 209 28.95 9.57 4.03
C PHE A 209 29.84 8.57 4.69
N VAL A 210 30.63 9.00 5.67
CA VAL A 210 31.53 8.09 6.37
C VAL A 210 30.93 7.63 7.68
N VAL A 211 30.84 8.52 8.66
CA VAL A 211 30.30 8.21 9.97
C VAL A 211 28.88 7.70 9.96
N HIS A 212 28.05 8.11 9.00
CA HIS A 212 26.67 7.65 9.01
C HIS A 212 26.26 6.88 7.78
N PHE A 213 27.15 6.04 7.29
CA PHE A 213 26.85 5.22 6.12
C PHE A 213 27.90 4.09 6.00
N ILE A 214 29.07 4.41 5.49
CA ILE A 214 30.12 3.44 5.30
C ILE A 214 30.48 2.71 6.58
N ILE A 215 30.61 3.41 7.70
CA ILE A 215 30.98 2.75 8.95
C ILE A 215 29.91 1.79 9.43
N PRO A 216 28.66 2.26 9.62
CA PRO A 216 27.57 1.41 10.09
C PRO A 216 27.34 0.22 9.21
N LEU A 217 27.61 0.35 7.91
CA LEU A 217 27.45 -0.77 6.99
C LEU A 217 28.61 -1.78 7.21
N ILE A 218 29.84 -1.28 7.31
CA ILE A 218 31.00 -2.16 7.53
C ILE A 218 30.73 -3.02 8.74
N VAL A 219 30.28 -2.40 9.82
CA VAL A 219 29.96 -3.11 11.04
C VAL A 219 28.88 -4.09 10.78
N ILE A 220 27.81 -3.63 10.15
CA ILE A 220 26.67 -4.51 9.86
C ILE A 220 27.08 -5.64 8.93
N PHE A 221 27.92 -5.37 7.94
CA PHE A 221 28.30 -6.43 7.03
C PHE A 221 29.33 -7.33 7.63
N PHE A 222 30.25 -6.78 8.40
CA PHE A 222 31.25 -7.63 9.00
C PHE A 222 30.60 -8.57 9.99
N CYS A 223 29.74 -8.06 10.85
CA CYS A 223 29.08 -8.90 11.84
C CYS A 223 28.45 -10.09 11.18
N TYR A 224 27.88 -9.89 10.00
CA TYR A 224 27.21 -10.96 9.25
C TYR A 224 28.19 -12.03 8.80
N GLY A 225 29.43 -11.61 8.54
CA GLY A 225 30.44 -12.57 8.11
C GLY A 225 30.75 -13.51 9.25
N GLN A 226 30.27 -13.16 10.44
CA GLN A 226 30.46 -13.97 11.64
C GLN A 226 29.28 -14.93 11.78
N LEU A 227 28.07 -14.43 11.55
CA LEU A 227 26.91 -15.28 11.65
C LEU A 227 26.69 -15.97 10.33
N VAL A 228 27.78 -16.36 9.69
CA VAL A 228 27.74 -17.08 8.43
C VAL A 228 28.01 -18.53 8.76
N PHE A 229 29.06 -18.74 9.56
CA PHE A 229 29.48 -20.07 9.99
C PHE A 229 28.53 -20.58 11.05
N THR A 230 28.25 -19.76 12.06
CA THR A 230 27.35 -20.14 13.12
C THR A 230 25.92 -20.20 12.54
N VAL A 231 24.98 -19.44 13.11
CA VAL A 231 23.58 -19.42 12.62
C VAL A 231 23.52 -19.01 11.16
N LYS A 232 22.84 -19.82 10.35
CA LYS A 232 22.71 -19.54 8.93
C LYS A 232 21.24 -19.49 8.56
N GLU A 233 20.92 -18.82 7.45
CA GLU A 233 19.53 -18.70 6.98
C GLU A 233 18.89 -20.07 6.91
N ALA A 234 19.72 -21.11 6.79
CA ALA A 234 19.24 -22.50 6.71
C ALA A 234 18.50 -22.84 7.98
N ALA A 235 17.19 -22.61 7.99
CA ALA A 235 16.37 -22.89 9.15
C ALA A 235 15.43 -24.06 8.87
N ALA A 236 15.30 -24.96 9.84
CA ALA A 236 14.45 -26.15 9.72
C ALA A 236 13.13 -25.99 10.46
N GLN A 237 12.57 -27.11 10.91
CA GLN A 237 11.29 -27.17 11.61
C GLN A 237 11.44 -27.05 13.14
N GLN A 238 10.56 -27.71 13.89
CA GLN A 238 10.56 -27.66 15.36
C GLN A 238 11.92 -28.06 15.94
N GLN A 239 12.52 -27.15 16.72
CA GLN A 239 13.83 -27.38 17.31
C GLN A 239 14.89 -27.27 16.22
N GLU A 240 16.15 -27.16 16.61
CA GLU A 240 17.25 -27.06 15.66
C GLU A 240 18.52 -27.34 16.42
N SER A 241 18.35 -27.44 17.74
CA SER A 241 19.37 -27.68 18.76
C SER A 241 18.72 -27.16 20.02
N ALA A 242 17.40 -27.15 19.94
CA ALA A 242 16.49 -26.66 20.98
C ALA A 242 15.52 -25.76 20.24
N THR A 243 14.23 -25.86 20.52
CA THR A 243 13.27 -25.00 19.84
C THR A 243 13.68 -23.55 20.08
N THR A 244 14.50 -23.33 21.12
CA THR A 244 14.98 -21.99 21.43
C THR A 244 15.98 -21.58 20.38
N GLN A 245 16.86 -22.50 20.01
CA GLN A 245 17.86 -22.25 18.99
C GLN A 245 17.16 -22.01 17.66
N LYS A 246 16.15 -22.82 17.38
CA LYS A 246 15.38 -22.71 16.15
C LYS A 246 14.80 -21.30 16.03
N ALA A 247 14.17 -20.82 17.09
CA ALA A 247 13.54 -19.50 17.09
C ALA A 247 14.59 -18.40 17.04
N GLU A 248 15.83 -18.71 17.39
CA GLU A 248 16.87 -17.69 17.35
C GLU A 248 17.22 -17.47 15.92
N LYS A 249 16.93 -18.48 15.11
CA LYS A 249 17.22 -18.45 13.70
C LYS A 249 16.18 -17.57 13.01
N GLU A 250 14.94 -17.55 13.51
CA GLU A 250 13.89 -16.72 12.90
C GLU A 250 14.23 -15.25 13.03
N VAL A 251 14.57 -14.80 14.22
CA VAL A 251 14.89 -13.41 14.39
C VAL A 251 16.05 -12.97 13.51
N THR A 252 17.06 -13.81 13.33
CA THR A 252 18.20 -13.44 12.49
C THR A 252 17.80 -13.32 11.03
N ARG A 253 16.93 -14.21 10.53
CA ARG A 253 16.54 -14.11 9.12
C ARG A 253 15.94 -12.75 8.88
N MET A 254 15.02 -12.36 9.76
CA MET A 254 14.35 -11.08 9.68
C MET A 254 15.34 -9.94 9.71
N VAL A 255 16.32 -10.01 10.60
CA VAL A 255 17.31 -8.94 10.71
C VAL A 255 18.10 -8.86 9.44
N ILE A 256 18.30 -9.97 8.77
CA ILE A 256 19.04 -9.93 7.52
C ILE A 256 18.13 -9.31 6.49
N ILE A 257 16.92 -9.84 6.36
CA ILE A 257 15.94 -9.30 5.44
C ILE A 257 15.80 -7.79 5.66
N MET A 258 15.67 -7.36 6.91
CA MET A 258 15.55 -5.94 7.28
C MET A 258 16.70 -5.13 6.70
N VAL A 259 17.87 -5.73 6.58
CA VAL A 259 19.01 -5.01 6.01
C VAL A 259 18.79 -4.88 4.50
N ILE A 260 18.60 -5.99 3.82
CA ILE A 260 18.33 -5.95 2.38
C ILE A 260 17.27 -4.87 2.12
N ALA A 261 16.29 -4.76 3.01
CA ALA A 261 15.19 -3.80 2.84
C ALA A 261 15.68 -2.38 2.99
N PHE A 262 16.61 -2.15 3.91
CA PHE A 262 17.15 -0.82 4.10
C PHE A 262 17.95 -0.46 2.88
N LEU A 263 18.84 -1.35 2.45
CA LEU A 263 19.69 -1.10 1.29
C LEU A 263 18.88 -0.77 0.03
N ILE A 264 17.91 -1.62 -0.31
CA ILE A 264 17.07 -1.36 -1.48
C ILE A 264 16.47 0.05 -1.42
N CYS A 265 16.00 0.42 -0.24
CA CYS A 265 15.37 1.72 0.01
C CYS A 265 16.37 2.87 0.04
N TRP A 266 17.64 2.65 0.33
CA TRP A 266 18.54 3.81 0.44
C TRP A 266 19.70 3.89 -0.52
N LEU A 267 20.16 2.77 -1.10
CA LEU A 267 21.31 2.90 -2.01
C LEU A 267 21.00 3.83 -3.16
N PRO A 268 19.82 3.67 -3.77
CA PRO A 268 19.53 4.57 -4.89
C PRO A 268 19.58 6.05 -4.50
N TYR A 269 19.12 6.41 -3.31
CA TYR A 269 19.16 7.81 -2.88
C TYR A 269 20.55 8.22 -2.55
N ALA A 270 21.23 7.40 -1.74
CA ALA A 270 22.60 7.71 -1.35
C ALA A 270 23.46 7.76 -2.59
N GLY A 271 23.20 6.86 -3.53
CA GLY A 271 23.96 6.82 -4.75
C GLY A 271 23.85 8.11 -5.52
N VAL A 272 22.64 8.54 -5.84
CA VAL A 272 22.47 9.79 -6.57
C VAL A 272 23.07 10.90 -5.76
N ALA A 273 22.91 10.83 -4.43
CA ALA A 273 23.46 11.84 -3.53
C ALA A 273 24.96 11.94 -3.72
N PHE A 274 25.65 10.81 -3.64
CA PHE A 274 27.10 10.84 -3.81
C PHE A 274 27.48 11.33 -5.20
N TYR A 275 26.75 10.90 -6.22
CA TYR A 275 27.03 11.29 -7.58
C TYR A 275 27.10 12.80 -7.68
N ILE A 276 25.98 13.45 -7.43
CA ILE A 276 25.93 14.90 -7.50
C ILE A 276 27.06 15.49 -6.68
N PHE A 277 27.21 15.04 -5.44
CA PHE A 277 28.26 15.62 -4.61
C PHE A 277 29.55 15.69 -5.38
N THR A 278 29.80 14.65 -6.17
CA THR A 278 31.03 14.57 -6.94
C THR A 278 30.84 15.08 -8.38
N HIS A 279 29.76 15.79 -8.65
CA HIS A 279 29.49 16.35 -9.99
C HIS A 279 28.62 17.59 -9.84
N GLN A 280 28.88 18.40 -8.82
CA GLN A 280 28.10 19.61 -8.61
C GLN A 280 28.17 20.51 -9.83
N GLY A 281 27.03 21.02 -10.27
CA GLY A 281 27.02 21.90 -11.42
C GLY A 281 26.90 21.19 -12.74
N SER A 282 26.97 19.86 -12.71
CA SER A 282 26.84 19.07 -13.93
C SER A 282 25.43 19.16 -14.40
N ASP A 283 25.11 18.57 -15.54
CA ASP A 283 23.76 18.69 -16.04
C ASP A 283 22.85 17.56 -15.67
N PHE A 284 22.21 17.63 -14.52
CA PHE A 284 21.22 16.63 -14.14
C PHE A 284 19.87 17.37 -14.02
N GLY A 285 18.75 16.65 -14.04
CA GLY A 285 17.47 17.33 -13.98
C GLY A 285 16.60 17.04 -12.79
N PRO A 286 15.37 17.62 -12.78
CA PRO A 286 14.48 17.37 -11.64
C PRO A 286 14.12 15.92 -11.30
N ILE A 287 13.86 15.08 -12.29
CA ILE A 287 13.47 13.69 -12.04
C ILE A 287 14.60 12.83 -11.51
N PHE A 288 15.84 13.21 -11.80
CA PHE A 288 17.03 12.47 -11.37
C PHE A 288 16.93 12.00 -9.91
N MET A 289 16.73 12.94 -8.99
CA MET A 289 16.67 12.67 -7.56
C MET A 289 15.25 12.54 -7.05
N THR A 290 14.23 12.84 -7.83
CA THR A 290 12.90 12.70 -7.29
C THR A 290 12.57 11.23 -7.02
N ILE A 291 12.78 10.40 -8.02
CA ILE A 291 12.49 8.97 -7.91
C ILE A 291 13.19 8.34 -6.70
N PRO A 292 14.52 8.40 -6.62
CA PRO A 292 15.07 7.75 -5.43
C PRO A 292 14.56 8.40 -4.15
N ALA A 293 14.51 9.72 -4.13
CA ALA A 293 14.07 10.48 -2.96
C ALA A 293 12.70 10.04 -2.46
N PHE A 294 11.70 10.02 -3.35
CA PHE A 294 10.36 9.64 -2.91
C PHE A 294 10.19 8.16 -2.79
N PHE A 295 11.13 7.36 -3.26
CA PHE A 295 10.99 5.92 -3.12
C PHE A 295 11.44 5.56 -1.75
N ALA A 296 12.47 6.26 -1.30
CA ALA A 296 13.06 6.04 -0.01
C ALA A 296 12.07 6.38 1.08
N LYS A 297 11.07 7.23 0.80
CA LYS A 297 10.10 7.57 1.84
C LYS A 297 9.29 6.38 2.25
N THR A 298 9.42 5.26 1.55
CA THR A 298 8.69 4.03 1.91
C THR A 298 9.35 3.44 3.13
N SER A 299 10.54 3.95 3.44
CA SER A 299 11.30 3.51 4.59
C SER A 299 10.46 3.72 5.85
N ALA A 300 9.46 4.59 5.77
CA ALA A 300 8.61 4.86 6.91
C ALA A 300 7.63 3.76 7.14
N VAL A 301 7.57 2.74 6.28
CA VAL A 301 6.58 1.69 6.53
C VAL A 301 7.09 0.26 6.34
N TYR A 302 8.14 0.04 5.55
CA TYR A 302 8.54 -1.34 5.31
C TYR A 302 8.93 -2.12 6.52
N ASN A 303 9.53 -1.51 7.54
CA ASN A 303 9.94 -2.31 8.70
C ASN A 303 8.81 -3.06 9.40
N PRO A 304 7.76 -2.36 9.90
CA PRO A 304 6.65 -3.05 10.58
C PRO A 304 6.07 -4.21 9.77
N VAL A 305 6.03 -4.07 8.46
CA VAL A 305 5.49 -5.13 7.60
C VAL A 305 6.38 -6.35 7.61
N ILE A 306 7.68 -6.17 7.75
CA ILE A 306 8.60 -7.31 7.78
C ILE A 306 8.40 -8.01 9.09
N TYR A 307 8.31 -7.21 10.14
CA TYR A 307 8.11 -7.67 11.51
C TYR A 307 6.89 -8.57 11.55
N ILE A 308 5.77 -8.03 11.11
CA ILE A 308 4.50 -8.75 11.12
C ILE A 308 4.48 -9.96 10.21
N MET A 309 5.36 -10.08 9.24
CA MET A 309 5.33 -11.24 8.35
C MET A 309 6.42 -12.24 8.73
N MET A 310 7.41 -11.76 9.48
CA MET A 310 8.52 -12.65 9.84
C MET A 310 8.65 -12.87 11.32
N ASN A 311 7.58 -12.68 12.07
CA ASN A 311 7.63 -12.92 13.49
C ASN A 311 6.30 -13.45 13.92
N LYS A 312 6.26 -14.76 14.11
CA LYS A 312 5.06 -15.48 14.51
C LYS A 312 4.47 -14.86 15.77
N GLN A 313 5.28 -14.66 16.79
CA GLN A 313 4.83 -14.12 18.06
C GLN A 313 4.13 -12.81 17.90
N PHE A 314 4.86 -11.80 17.40
CA PHE A 314 4.29 -10.46 17.24
C PHE A 314 2.99 -10.47 16.46
N ARG A 315 2.96 -11.22 15.36
CA ARG A 315 1.78 -11.32 14.51
C ARG A 315 0.52 -11.72 15.30
N ASN A 316 0.67 -12.72 16.15
CA ASN A 316 -0.41 -13.24 16.97
C ASN A 316 -0.87 -12.23 17.98
N CYS A 317 0.04 -11.53 18.65
CA CYS A 317 -0.40 -10.54 19.63
C CYS A 317 -1.28 -9.50 18.97
N MET A 318 -0.98 -9.21 17.70
CA MET A 318 -1.73 -8.25 16.89
C MET A 318 -3.13 -8.78 16.67
N VAL A 319 -3.24 -10.02 16.22
CA VAL A 319 -4.53 -10.65 16.01
C VAL A 319 -5.24 -10.66 17.34
N THR A 320 -4.53 -10.99 18.41
CA THR A 320 -5.12 -11.02 19.74
C THR A 320 -5.62 -9.65 20.10
N THR A 321 -4.88 -8.63 19.67
CA THR A 321 -5.24 -7.24 19.94
C THR A 321 -6.45 -6.87 19.11
N LEU A 322 -6.34 -7.06 17.79
CA LEU A 322 -7.40 -6.72 16.87
C LEU A 322 -8.69 -7.48 17.14
N CYS A 323 -8.64 -8.77 17.41
CA CYS A 323 -9.88 -9.52 17.69
C CYS A 323 -10.39 -9.13 19.07
N CYS A 324 -10.14 -7.89 19.47
CA CYS A 324 -10.56 -7.33 20.76
C CYS A 324 -10.24 -8.31 21.88
N GLY A 325 -11.16 -9.23 22.18
CA GLY A 325 -10.92 -10.19 23.24
C GLY A 325 -9.59 -10.90 23.12
N LYS A 326 -9.55 -11.97 22.34
CA LYS A 326 -8.34 -12.72 22.16
C LYS A 326 -8.49 -13.61 20.96
N ASN A 327 -8.50 -14.93 21.18
CA ASN A 327 -8.64 -15.89 20.10
C ASN A 327 -7.63 -15.57 19.03
N PRO A 328 -6.33 -15.83 19.30
CA PRO A 328 -5.23 -15.59 18.36
C PRO A 328 -5.09 -16.74 17.38
N LEU A 329 -6.01 -16.82 16.42
CA LEU A 329 -6.03 -17.87 15.40
C LEU A 329 -4.63 -18.22 14.91
N GLY A 330 -4.29 -17.79 13.69
CA GLY A 330 -2.98 -18.08 13.12
C GLY A 330 -2.54 -19.49 13.47
N ASP A 331 -1.36 -19.58 14.06
CA ASP A 331 -0.79 -20.85 14.51
C ASP A 331 0.02 -20.57 15.74
N ASP A 332 -0.29 -19.48 16.44
CA ASP A 332 0.44 -19.09 17.65
C ASP A 332 1.92 -19.08 17.35
N GLU A 333 2.74 -19.20 18.39
CA GLU A 333 4.19 -19.22 18.22
C GLU A 333 4.65 -20.64 18.45
N ALA A 334 3.72 -21.52 18.82
CA ALA A 334 4.05 -22.92 19.13
C ALA A 334 4.99 -22.89 20.31
N SER A 335 5.33 -21.65 20.70
CA SER A 335 6.21 -21.33 21.83
C SER A 335 5.54 -20.23 22.65
N THR A 336 6.32 -19.49 23.42
CA THR A 336 5.81 -18.42 24.28
C THR A 336 4.76 -17.58 23.57
N THR A 337 4.05 -16.80 24.37
CA THR A 337 2.99 -15.90 23.91
C THR A 337 3.17 -14.58 24.64
N VAL A 338 2.17 -13.69 24.64
CA VAL A 338 2.30 -12.42 25.34
C VAL A 338 1.09 -11.50 25.20
N SER A 339 0.74 -10.79 26.25
CA SER A 339 -0.38 -9.87 26.23
C SER A 339 -0.50 -9.10 27.53
N LYS A 340 -1.73 -8.83 27.94
CA LYS A 340 -1.99 -8.05 29.16
C LYS A 340 -2.68 -8.86 30.26
N THR A 341 -3.97 -9.19 30.08
CA THR A 341 -4.75 -9.93 31.09
C THR A 341 -4.87 -11.42 30.77
N GLU A 342 -4.62 -11.78 29.51
CA GLU A 342 -4.74 -13.17 29.06
C GLU A 342 -3.54 -14.02 29.51
N THR A 343 -2.79 -14.54 28.53
CA THR A 343 -1.67 -15.42 28.80
C THR A 343 -0.30 -14.74 28.82
N SER A 344 -0.24 -13.56 29.46
CA SER A 344 1.03 -12.86 29.60
C SER A 344 1.67 -13.36 30.90
N GLN A 345 1.17 -14.52 31.32
CA GLN A 345 1.62 -15.21 32.52
C GLN A 345 3.11 -15.38 32.41
N VAL A 346 3.89 -14.96 33.40
CA VAL A 346 5.36 -15.10 33.38
C VAL A 346 5.73 -16.57 33.37
N ALA A 347 6.58 -17.00 32.45
CA ALA A 347 6.91 -18.42 32.32
C ALA A 347 8.39 -18.77 32.44
N PRO A 348 9.10 -18.24 33.46
CA PRO A 348 10.53 -18.56 33.63
C PRO A 348 10.76 -19.93 34.25
N ALA A 349 11.63 -19.95 35.26
CA ALA A 349 11.97 -21.18 36.00
C ALA A 349 11.71 -20.95 37.51
C ACE B 1 0.50 -37.14 -16.84
O ACE B 1 0.75 -36.23 -17.62
CH3 ACE B 1 1.37 -38.38 -16.83
N MET B 2 -0.50 -37.10 -15.94
CA MET B 2 -1.40 -35.96 -15.81
C MET B 2 -0.60 -34.75 -15.38
N ASN B 3 -0.85 -33.62 -16.05
CA ASN B 3 -0.14 -32.38 -15.80
C ASN B 3 -0.41 -31.78 -14.46
N GLY B 4 -1.59 -32.00 -13.92
CA GLY B 4 -1.90 -31.44 -12.63
C GLY B 4 -2.43 -32.51 -11.72
N THR B 5 -2.72 -32.14 -10.47
CA THR B 5 -3.23 -33.11 -9.55
C THR B 5 -4.62 -32.70 -9.17
N GLU B 6 -5.63 -33.32 -9.75
CA GLU B 6 -7.00 -33.03 -9.40
C GLU B 6 -7.34 -33.82 -8.15
N GLY B 7 -7.98 -33.18 -7.19
CA GLY B 7 -8.39 -33.85 -5.98
C GLY B 7 -9.89 -33.82 -6.11
N PRO B 8 -10.63 -34.27 -5.11
CA PRO B 8 -12.08 -34.21 -5.29
C PRO B 8 -12.60 -32.82 -5.00
N ASN B 9 -11.70 -32.02 -4.45
CA ASN B 9 -11.99 -30.69 -3.97
C ASN B 9 -11.15 -29.63 -4.66
N PHE B 10 -10.02 -30.02 -5.22
CA PHE B 10 -9.12 -29.05 -5.77
C PHE B 10 -8.58 -29.47 -7.10
N TYR B 11 -7.47 -28.83 -7.47
CA TYR B 11 -6.74 -29.08 -8.70
C TYR B 11 -5.42 -28.30 -8.63
N VAL B 12 -4.40 -28.90 -8.03
CA VAL B 12 -3.10 -28.26 -7.92
C VAL B 12 -2.44 -28.29 -9.31
N PRO B 13 -1.98 -27.13 -9.81
CA PRO B 13 -1.34 -27.08 -11.13
C PRO B 13 0.06 -27.61 -11.01
N PHE B 14 0.20 -28.80 -10.46
CA PHE B 14 1.52 -29.42 -10.27
C PHE B 14 1.39 -30.94 -10.41
N SER B 15 2.38 -31.58 -11.05
CA SER B 15 2.36 -33.01 -11.25
C SER B 15 2.61 -33.67 -9.96
N ASN B 16 2.16 -34.92 -9.82
CA ASN B 16 2.39 -35.66 -8.60
C ASN B 16 3.25 -36.85 -8.91
N LYS B 17 4.06 -36.71 -9.95
CA LYS B 17 4.96 -37.76 -10.37
C LYS B 17 5.84 -38.10 -9.22
N THR B 18 6.28 -37.07 -8.51
CA THR B 18 7.16 -37.23 -7.35
C THR B 18 6.36 -37.50 -6.09
N GLY B 19 5.03 -37.45 -6.17
CA GLY B 19 4.19 -37.71 -5.02
C GLY B 19 4.32 -36.72 -3.86
N VAL B 20 4.77 -35.50 -4.17
CA VAL B 20 4.96 -34.45 -3.17
C VAL B 20 3.76 -33.48 -3.13
N VAL B 21 2.72 -33.76 -3.92
CA VAL B 21 1.56 -32.89 -3.98
C VAL B 21 0.57 -33.23 -2.91
N ARG B 22 0.04 -32.22 -2.23
CA ARG B 22 -0.95 -32.43 -1.17
C ARG B 22 -2.03 -31.38 -1.21
N SER B 23 -3.25 -31.79 -0.89
CA SER B 23 -4.43 -30.93 -0.89
C SER B 23 -4.16 -29.54 -0.36
N PRO B 24 -4.68 -28.52 -1.05
CA PRO B 24 -4.47 -27.14 -0.59
C PRO B 24 -5.31 -26.87 0.64
N PHE B 25 -6.07 -27.88 1.06
CA PHE B 25 -6.91 -27.76 2.24
C PHE B 25 -6.31 -28.53 3.40
N GLU B 26 -5.14 -29.13 3.21
CA GLU B 26 -4.58 -29.94 4.25
C GLU B 26 -3.11 -29.69 4.55
N ALA B 27 -2.36 -29.02 3.71
CA ALA B 27 -0.96 -28.81 4.06
C ALA B 27 -0.29 -27.81 3.16
N PRO B 28 0.72 -27.11 3.67
CA PRO B 28 1.47 -26.10 2.91
C PRO B 28 1.84 -26.53 1.50
N GLN B 29 1.66 -25.61 0.56
CA GLN B 29 1.98 -25.87 -0.84
C GLN B 29 3.35 -25.32 -1.14
N TYR B 30 4.23 -25.32 -0.14
CA TYR B 30 5.59 -24.79 -0.29
C TYR B 30 6.32 -25.47 -1.39
N TYR B 31 5.86 -26.63 -1.83
CA TYR B 31 6.54 -27.34 -2.92
C TYR B 31 6.16 -26.75 -4.28
N LEU B 32 5.27 -25.76 -4.33
CA LEU B 32 4.84 -25.13 -5.60
C LEU B 32 5.65 -23.92 -5.85
N ALA B 33 6.18 -23.33 -4.79
CA ALA B 33 6.96 -22.12 -4.90
C ALA B 33 7.62 -21.85 -3.59
N GLU B 34 8.74 -21.15 -3.63
CA GLU B 34 9.50 -20.81 -2.45
C GLU B 34 8.66 -20.17 -1.37
N PRO B 35 8.93 -20.51 -0.09
CA PRO B 35 8.22 -19.99 1.10
C PRO B 35 8.39 -18.46 1.28
N TRP B 36 9.42 -17.88 0.68
CA TRP B 36 9.61 -16.44 0.78
C TRP B 36 8.64 -15.80 -0.16
N GLN B 37 8.18 -16.55 -1.15
CA GLN B 37 7.24 -16.00 -2.11
C GLN B 37 5.86 -15.92 -1.50
N PHE B 38 5.51 -16.88 -0.65
CA PHE B 38 4.19 -16.84 0.01
C PHE B 38 4.20 -15.69 0.99
N SER B 39 5.36 -15.42 1.58
CA SER B 39 5.47 -14.31 2.52
C SER B 39 5.30 -13.01 1.75
N MET B 40 5.77 -12.99 0.51
CA MET B 40 5.66 -11.83 -0.35
C MET B 40 4.17 -11.55 -0.56
N LEU B 41 3.40 -12.58 -0.91
CA LEU B 41 1.96 -12.45 -1.13
C LEU B 41 1.31 -12.04 0.16
N ALA B 42 1.73 -12.70 1.23
CA ALA B 42 1.22 -12.44 2.54
C ALA B 42 1.38 -10.95 2.85
N ALA B 43 2.54 -10.38 2.52
CA ALA B 43 2.77 -8.94 2.75
C ALA B 43 1.79 -8.13 1.94
N TYR B 44 1.83 -8.36 0.64
CA TYR B 44 0.99 -7.69 -0.33
C TYR B 44 -0.45 -7.57 0.15
N MET B 45 -1.03 -8.64 0.66
CA MET B 45 -2.40 -8.60 1.14
C MET B 45 -2.50 -7.72 2.35
N PHE B 46 -1.47 -7.77 3.20
CA PHE B 46 -1.46 -6.98 4.41
C PHE B 46 -1.56 -5.52 4.06
N LEU B 47 -0.79 -5.07 3.07
CA LEU B 47 -0.82 -3.68 2.65
C LEU B 47 -2.18 -3.37 2.07
N LEU B 48 -2.70 -4.23 1.20
CA LEU B 48 -4.01 -3.98 0.64
C LEU B 48 -4.98 -3.78 1.76
N ILE B 49 -4.97 -4.68 2.74
CA ILE B 49 -5.89 -4.55 3.86
C ILE B 49 -5.65 -3.27 4.60
N MET B 50 -4.39 -2.90 4.80
CA MET B 50 -4.05 -1.70 5.56
C MET B 50 -4.27 -0.39 4.80
N LEU B 51 -4.56 -0.47 3.50
CA LEU B 51 -4.82 0.70 2.69
C LEU B 51 -6.29 0.72 2.34
N GLY B 52 -6.74 -0.37 1.75
CA GLY B 52 -8.13 -0.49 1.36
C GLY B 52 -9.14 -0.27 2.47
N PHE B 53 -8.72 -0.45 3.72
CA PHE B 53 -9.63 -0.26 4.85
C PHE B 53 -9.81 1.22 5.11
N PRO B 54 -8.74 1.94 5.43
CA PRO B 54 -8.93 3.36 5.67
C PRO B 54 -9.53 4.12 4.51
N ILE B 55 -9.05 3.86 3.30
CA ILE B 55 -9.52 4.59 2.12
C ILE B 55 -10.95 4.29 1.74
N ASN B 56 -11.45 3.10 2.02
CA ASN B 56 -12.83 2.85 1.66
C ASN B 56 -13.72 3.32 2.77
N PHE B 57 -13.27 3.19 4.01
CA PHE B 57 -14.08 3.66 5.12
C PHE B 57 -14.21 5.15 5.02
N LEU B 58 -13.10 5.83 4.70
CA LEU B 58 -13.09 7.28 4.56
C LEU B 58 -14.09 7.65 3.49
N THR B 59 -13.95 7.13 2.28
CA THR B 59 -14.92 7.47 1.25
C THR B 59 -16.34 7.37 1.79
N LEU B 60 -16.67 6.24 2.42
CA LEU B 60 -17.99 6.01 2.99
C LEU B 60 -18.36 7.13 3.95
N TYR B 61 -17.56 7.30 5.00
CA TYR B 61 -17.79 8.29 6.04
C TYR B 61 -17.96 9.71 5.51
N VAL B 62 -17.23 10.09 4.49
CA VAL B 62 -17.35 11.44 3.96
C VAL B 62 -18.67 11.61 3.24
N THR B 63 -19.06 10.64 2.40
CA THR B 63 -20.31 10.72 1.66
C THR B 63 -21.47 10.84 2.58
N VAL B 64 -21.53 9.96 3.57
CA VAL B 64 -22.61 9.96 4.54
C VAL B 64 -22.68 11.31 5.22
N GLN B 65 -21.56 11.74 5.80
CA GLN B 65 -21.46 13.00 6.54
C GLN B 65 -21.82 14.24 5.73
N HIS B 66 -21.45 14.32 4.46
CA HIS B 66 -21.76 15.49 3.68
C HIS B 66 -23.00 15.32 2.87
N LYS B 67 -24.02 16.11 3.24
CA LYS B 67 -25.34 16.04 2.64
C LYS B 67 -25.43 16.31 1.15
N LYS B 68 -24.66 17.23 0.58
CA LYS B 68 -24.81 17.48 -0.86
C LYS B 68 -24.29 16.35 -1.67
N LEU B 69 -23.44 15.52 -1.07
CA LEU B 69 -22.88 14.38 -1.79
C LEU B 69 -23.97 13.35 -1.97
N ARG B 70 -24.87 13.55 -2.93
CA ARG B 70 -25.96 12.60 -3.11
C ARG B 70 -26.35 12.46 -4.54
N THR B 71 -25.42 12.64 -5.47
CA THR B 71 -25.73 12.48 -6.89
C THR B 71 -25.66 10.99 -7.23
N PRO B 72 -25.97 10.61 -8.49
CA PRO B 72 -25.92 9.17 -8.81
C PRO B 72 -24.52 8.61 -8.59
N LEU B 73 -23.50 9.34 -9.06
CA LEU B 73 -22.13 8.93 -8.88
C LEU B 73 -21.86 8.77 -7.40
N ASN B 74 -22.17 9.80 -6.62
CA ASN B 74 -21.96 9.75 -5.17
C ASN B 74 -22.55 8.46 -4.65
N TYR B 75 -23.72 8.09 -5.14
CA TYR B 75 -24.37 6.87 -4.70
C TYR B 75 -23.55 5.64 -5.03
N ILE B 76 -23.08 5.54 -6.25
CA ILE B 76 -22.31 4.40 -6.72
C ILE B 76 -21.02 4.24 -5.93
N LEU B 77 -20.17 5.26 -5.88
CA LEU B 77 -18.92 5.11 -5.15
C LEU B 77 -19.13 4.87 -3.68
N LEU B 78 -20.32 5.07 -3.13
CA LEU B 78 -20.49 4.73 -1.72
C LEU B 78 -20.67 3.25 -1.72
N ASN B 79 -21.33 2.77 -2.77
CA ASN B 79 -21.58 1.34 -2.96
C ASN B 79 -20.23 0.67 -2.93
N LEU B 80 -19.38 1.06 -3.88
CA LEU B 80 -18.03 0.54 -4.02
C LEU B 80 -17.32 0.54 -2.70
N ALA B 81 -17.27 1.70 -2.06
CA ALA B 81 -16.60 1.80 -0.77
C ALA B 81 -17.12 0.73 0.15
N VAL B 82 -18.38 0.33 -0.02
CA VAL B 82 -18.94 -0.71 0.85
C VAL B 82 -18.61 -2.10 0.31
N ALA B 83 -18.61 -2.28 -0.99
CA ALA B 83 -18.27 -3.58 -1.55
C ALA B 83 -16.81 -3.84 -1.21
N ASP B 84 -16.01 -2.77 -1.28
CA ASP B 84 -14.60 -2.85 -1.00
C ASP B 84 -14.39 -3.19 0.44
N LEU B 85 -15.18 -2.64 1.33
CA LEU B 85 -14.99 -2.97 2.72
C LEU B 85 -15.28 -4.45 2.90
N PHE B 86 -16.18 -4.99 2.10
CA PHE B 86 -16.52 -6.41 2.19
C PHE B 86 -15.38 -7.22 1.65
N MET B 87 -14.83 -6.83 0.51
CA MET B 87 -13.71 -7.56 -0.05
C MET B 87 -12.60 -7.66 0.97
N VAL B 88 -12.28 -6.55 1.61
CA VAL B 88 -11.19 -6.54 2.59
C VAL B 88 -11.46 -7.40 3.79
N PHE B 89 -12.56 -7.18 4.50
CA PHE B 89 -12.84 -7.96 5.70
C PHE B 89 -13.44 -9.30 5.40
N GLY B 90 -14.19 -9.37 4.31
CA GLY B 90 -14.81 -10.62 3.94
C GLY B 90 -13.80 -11.60 3.40
N GLY B 91 -13.02 -11.18 2.42
CA GLY B 91 -12.08 -12.12 1.84
C GLY B 91 -10.60 -11.92 2.02
N PHE B 92 -10.13 -10.68 1.94
CA PHE B 92 -8.70 -10.42 2.03
C PHE B 92 -8.15 -10.98 3.28
N THR B 93 -8.90 -10.87 4.36
CA THR B 93 -8.42 -11.40 5.63
C THR B 93 -8.07 -12.88 5.54
N THR B 94 -8.87 -13.68 4.82
CA THR B 94 -8.51 -15.10 4.72
C THR B 94 -7.38 -15.28 3.77
N THR B 95 -7.31 -14.47 2.71
CA THR B 95 -6.22 -14.65 1.76
C THR B 95 -4.90 -14.34 2.44
N LEU B 96 -4.93 -13.44 3.43
CA LEU B 96 -3.74 -13.07 4.19
C LEU B 96 -3.35 -14.24 5.10
N TYR B 97 -4.32 -14.74 5.84
CA TYR B 97 -4.11 -15.84 6.75
C TYR B 97 -3.59 -17.05 5.98
N THR B 98 -4.27 -17.36 4.87
CA THR B 98 -3.93 -18.48 3.99
C THR B 98 -2.51 -18.36 3.44
N SER B 99 -2.15 -17.17 2.99
CA SER B 99 -0.83 -16.98 2.42
C SER B 99 0.21 -17.12 3.52
N LEU B 100 -0.10 -16.68 4.73
CA LEU B 100 0.86 -16.80 5.80
C LEU B 100 1.11 -18.25 6.02
N HIS B 101 0.07 -19.08 5.88
CA HIS B 101 0.20 -20.52 6.13
C HIS B 101 0.57 -21.37 4.94
N GLY B 102 0.41 -20.88 3.72
CA GLY B 102 0.80 -21.72 2.59
C GLY B 102 -0.32 -22.54 1.97
N TYR B 103 -1.46 -22.61 2.65
CA TYR B 103 -2.62 -23.35 2.15
C TYR B 103 -3.86 -22.88 2.88
N PHE B 104 -5.02 -23.40 2.54
CA PHE B 104 -6.23 -22.96 3.20
C PHE B 104 -6.48 -23.75 4.45
N VAL B 105 -5.87 -23.37 5.57
CA VAL B 105 -6.09 -24.07 6.83
C VAL B 105 -7.59 -24.11 7.13
N PHE B 106 -8.36 -23.11 6.71
CA PHE B 106 -9.80 -23.10 6.96
C PHE B 106 -10.53 -23.89 5.89
N GLY B 107 -9.81 -24.78 5.21
CA GLY B 107 -10.41 -25.61 4.19
C GLY B 107 -11.31 -24.84 3.25
N PRO B 108 -12.32 -25.49 2.65
CA PRO B 108 -13.27 -24.89 1.71
C PRO B 108 -14.12 -23.74 2.24
N THR B 109 -14.27 -23.61 3.54
CA THR B 109 -15.03 -22.46 4.05
C THR B 109 -14.22 -21.23 3.65
N GLY B 110 -12.93 -21.27 4.00
CA GLY B 110 -12.02 -20.18 3.69
C GLY B 110 -11.90 -19.93 2.21
N CYS B 111 -11.97 -21.01 1.42
CA CYS B 111 -11.92 -20.93 -0.03
C CYS B 111 -13.15 -20.19 -0.51
N ASN B 112 -14.30 -20.51 0.10
CA ASN B 112 -15.57 -19.86 -0.24
C ASN B 112 -15.57 -18.42 0.22
N LEU B 113 -15.01 -18.17 1.39
CA LEU B 113 -14.93 -16.81 1.88
C LEU B 113 -14.06 -16.00 0.91
N GLU B 114 -12.81 -16.44 0.73
CA GLU B 114 -11.85 -15.78 -0.15
C GLU B 114 -12.43 -15.60 -1.53
N GLY B 115 -12.97 -16.67 -2.10
CA GLY B 115 -13.54 -16.57 -3.42
C GLY B 115 -14.84 -15.79 -3.57
N PHE B 116 -15.81 -16.02 -2.70
CA PHE B 116 -17.09 -15.32 -2.80
C PHE B 116 -16.92 -13.81 -2.81
N PHE B 117 -16.36 -13.28 -1.75
CA PHE B 117 -16.18 -11.84 -1.61
C PHE B 117 -15.36 -11.25 -2.71
N ALA B 118 -14.39 -11.98 -3.24
CA ALA B 118 -13.56 -11.44 -4.30
C ALA B 118 -14.38 -11.29 -5.56
N THR B 119 -15.36 -12.15 -5.75
CA THR B 119 -16.22 -12.08 -6.93
C THR B 119 -17.28 -11.02 -6.68
N LEU B 120 -17.91 -11.09 -5.51
CA LEU B 120 -18.93 -10.10 -5.16
C LEU B 120 -18.35 -8.73 -5.44
N GLY B 121 -17.21 -8.42 -4.85
CA GLY B 121 -16.60 -7.14 -5.10
C GLY B 121 -16.42 -6.88 -6.58
N GLY B 122 -15.67 -7.75 -7.24
CA GLY B 122 -15.45 -7.57 -8.66
C GLY B 122 -16.68 -7.38 -9.52
N GLU B 123 -17.74 -8.16 -9.28
CA GLU B 123 -18.96 -8.04 -10.07
C GLU B 123 -19.72 -6.77 -9.71
N ILE B 124 -19.85 -6.46 -8.42
CA ILE B 124 -20.54 -5.25 -8.03
C ILE B 124 -19.92 -4.09 -8.77
N ALA B 125 -18.61 -4.12 -8.95
CA ALA B 125 -17.90 -3.04 -9.62
C ALA B 125 -18.14 -3.08 -11.11
N LEU B 126 -18.44 -4.23 -11.67
CA LEU B 126 -18.65 -4.30 -13.09
C LEU B 126 -20.04 -3.78 -13.41
N TRP B 127 -21.03 -4.17 -12.61
CA TRP B 127 -22.41 -3.74 -12.84
C TRP B 127 -22.56 -2.26 -12.58
N SER B 128 -21.94 -1.76 -11.51
CA SER B 128 -21.99 -0.33 -11.19
C SER B 128 -21.38 0.48 -12.31
N LEU B 129 -20.66 -0.17 -13.23
CA LEU B 129 -20.06 0.54 -14.35
C LEU B 129 -21.10 0.66 -15.42
N VAL B 130 -22.07 -0.25 -15.41
CA VAL B 130 -23.17 -0.19 -16.38
C VAL B 130 -24.13 0.91 -15.90
N VAL B 131 -24.57 0.79 -14.64
CA VAL B 131 -25.43 1.77 -14.02
C VAL B 131 -24.90 3.15 -14.36
N LEU B 132 -23.60 3.33 -14.24
CA LEU B 132 -22.97 4.61 -14.55
C LEU B 132 -23.04 4.86 -16.03
N ALA B 133 -22.84 3.81 -16.83
CA ALA B 133 -22.89 3.93 -18.29
C ALA B 133 -24.24 4.51 -18.70
N ILE B 134 -25.32 3.94 -18.14
CA ILE B 134 -26.69 4.39 -18.39
C ILE B 134 -26.83 5.85 -17.97
N GLU B 135 -26.67 6.11 -16.67
CA GLU B 135 -26.80 7.46 -16.13
C GLU B 135 -26.01 8.46 -16.94
N ARG B 136 -24.82 8.10 -17.40
CA ARG B 136 -24.03 9.04 -18.18
C ARG B 136 -24.72 9.33 -19.50
N TYR B 137 -25.35 8.30 -20.07
CA TYR B 137 -26.06 8.40 -21.35
C TYR B 137 -27.28 9.24 -21.21
N VAL B 138 -28.02 8.99 -20.14
CA VAL B 138 -29.26 9.70 -19.83
C VAL B 138 -29.01 11.19 -19.63
N VAL B 139 -27.77 11.59 -19.36
CA VAL B 139 -27.49 13.00 -19.12
C VAL B 139 -26.73 13.65 -20.24
N VAL B 140 -26.10 12.88 -21.12
CA VAL B 140 -25.35 13.50 -22.21
C VAL B 140 -26.11 13.40 -23.51
N CYS B 141 -26.85 12.32 -23.71
CA CYS B 141 -27.65 12.14 -24.92
C CYS B 141 -29.12 12.23 -24.55
N LYS B 142 -29.35 12.71 -23.33
CA LYS B 142 -30.66 12.92 -22.71
C LYS B 142 -31.83 12.54 -23.63
N PRO B 143 -32.12 11.23 -23.81
CA PRO B 143 -33.24 10.84 -24.67
C PRO B 143 -34.60 11.19 -24.03
N MET B 144 -34.55 11.89 -22.91
CA MET B 144 -35.76 12.30 -22.18
C MET B 144 -36.06 13.78 -22.40
N SER B 145 -37.18 14.24 -21.84
CA SER B 145 -37.58 15.64 -21.96
C SER B 145 -37.31 16.34 -20.65
N ASN B 146 -37.95 15.87 -19.58
CA ASN B 146 -37.76 16.47 -18.25
C ASN B 146 -37.59 15.39 -17.20
N PHE B 147 -36.93 14.30 -17.57
CA PHE B 147 -36.68 13.18 -16.66
C PHE B 147 -35.33 13.36 -15.95
N ARG B 148 -35.34 13.37 -14.62
CA ARG B 148 -34.11 13.54 -13.84
C ARG B 148 -33.78 12.23 -13.14
N PHE B 149 -32.54 11.77 -13.29
CA PHE B 149 -32.05 10.53 -12.68
C PHE B 149 -31.80 10.82 -11.21
N GLY B 150 -32.87 10.81 -10.41
CA GLY B 150 -32.73 11.13 -9.00
C GLY B 150 -32.20 10.05 -8.09
N GLU B 151 -32.13 10.38 -6.81
CA GLU B 151 -31.66 9.44 -5.80
C GLU B 151 -32.47 8.16 -5.88
N ASN B 152 -33.78 8.27 -6.10
CA ASN B 152 -34.64 7.09 -6.17
C ASN B 152 -34.13 6.15 -7.24
N HIS B 153 -33.63 6.70 -8.35
CA HIS B 153 -33.11 5.86 -9.41
C HIS B 153 -31.80 5.24 -8.96
N ALA B 154 -30.94 6.05 -8.34
CA ALA B 154 -29.66 5.56 -7.86
C ALA B 154 -29.86 4.46 -6.86
N ILE B 155 -30.68 4.64 -5.82
CA ILE B 155 -30.85 3.55 -4.86
C ILE B 155 -31.36 2.32 -5.59
N MET B 156 -31.91 2.52 -6.79
CA MET B 156 -32.40 1.40 -7.60
C MET B 156 -31.23 0.73 -8.24
N GLY B 157 -30.52 1.45 -9.11
CA GLY B 157 -29.35 0.93 -9.77
C GLY B 157 -28.29 0.38 -8.83
N VAL B 158 -28.44 0.68 -7.54
CA VAL B 158 -27.53 0.19 -6.50
C VAL B 158 -27.98 -1.20 -6.09
N ALA B 159 -29.26 -1.34 -5.73
CA ALA B 159 -29.81 -2.65 -5.34
C ALA B 159 -29.66 -3.59 -6.52
N PHE B 160 -29.82 -3.03 -7.71
CA PHE B 160 -29.69 -3.77 -8.95
C PHE B 160 -28.36 -4.44 -9.01
N THR B 161 -27.28 -3.67 -8.82
CA THR B 161 -25.92 -4.20 -8.88
C THR B 161 -25.74 -5.36 -7.93
N TRP B 162 -26.24 -5.28 -6.70
CA TRP B 162 -26.06 -6.40 -5.78
C TRP B 162 -26.88 -7.59 -6.20
N VAL B 163 -27.97 -7.38 -6.93
CA VAL B 163 -28.80 -8.51 -7.35
C VAL B 163 -28.08 -9.28 -8.42
N MET B 164 -27.33 -8.58 -9.27
CA MET B 164 -26.55 -9.23 -10.32
C MET B 164 -25.32 -9.86 -9.70
N ALA B 165 -24.60 -9.09 -8.90
CA ALA B 165 -23.41 -9.58 -8.23
C ALA B 165 -23.74 -10.85 -7.51
N LEU B 166 -24.72 -10.84 -6.61
CA LEU B 166 -25.09 -12.06 -5.87
C LEU B 166 -25.45 -13.18 -6.83
N ALA B 167 -25.93 -12.82 -8.02
CA ALA B 167 -26.33 -13.80 -9.03
C ALA B 167 -25.19 -14.70 -9.37
N CYS B 168 -24.00 -14.18 -9.69
CA CYS B 168 -22.90 -15.10 -10.00
C CYS B 168 -22.06 -15.37 -8.77
N ALA B 169 -22.11 -14.53 -7.76
CA ALA B 169 -21.29 -14.80 -6.61
C ALA B 169 -21.89 -15.78 -5.67
N ALA B 170 -23.22 -15.98 -5.71
CA ALA B 170 -23.84 -16.87 -4.72
C ALA B 170 -24.00 -18.36 -5.12
N PRO B 171 -24.35 -18.65 -6.39
CA PRO B 171 -24.55 -20.02 -6.86
C PRO B 171 -23.46 -21.05 -6.47
N PRO B 172 -22.16 -20.70 -6.63
CA PRO B 172 -21.10 -21.65 -6.28
C PRO B 172 -21.17 -22.05 -4.84
N LEU B 173 -21.98 -21.36 -4.06
CA LEU B 173 -22.07 -21.68 -2.65
C LEU B 173 -23.19 -22.64 -2.41
N VAL B 174 -24.07 -22.82 -3.39
CA VAL B 174 -25.24 -23.69 -3.26
C VAL B 174 -25.40 -24.68 -4.42
N GLY B 175 -24.32 -25.34 -4.82
CA GLY B 175 -24.45 -26.31 -5.88
C GLY B 175 -24.14 -25.92 -7.31
N TRP B 176 -24.37 -24.70 -7.74
CA TRP B 176 -24.05 -24.44 -9.13
C TRP B 176 -22.63 -23.93 -9.23
N SER B 177 -21.74 -24.84 -9.66
CA SER B 177 -20.30 -24.57 -9.78
C SER B 177 -19.70 -24.56 -8.37
N ARG B 178 -18.45 -24.13 -8.23
CA ARG B 178 -17.85 -24.11 -6.90
C ARG B 178 -16.60 -23.24 -6.86
N TYR B 179 -16.18 -22.83 -5.67
CA TYR B 179 -14.96 -22.05 -5.53
C TYR B 179 -13.84 -23.04 -5.33
N ILE B 180 -12.64 -22.72 -5.81
CA ILE B 180 -11.52 -23.66 -5.70
C ILE B 180 -10.22 -22.88 -5.68
N PRO B 181 -9.18 -23.40 -5.00
CA PRO B 181 -7.91 -22.67 -4.95
C PRO B 181 -7.32 -22.48 -6.32
N GLU B 182 -6.56 -21.42 -6.49
CA GLU B 182 -5.93 -21.11 -7.78
C GLU B 182 -4.48 -20.80 -7.61
N GLY B 183 -3.71 -20.91 -8.69
CA GLY B 183 -2.29 -20.59 -8.66
C GLY B 183 -1.57 -21.24 -7.52
N MET B 184 -0.98 -20.47 -6.62
CA MET B 184 -0.25 -21.07 -5.50
C MET B 184 -1.22 -21.60 -4.43
N GLN B 185 -2.49 -21.75 -4.80
CA GLN B 185 -3.54 -22.27 -3.93
C GLN B 185 -3.83 -21.37 -2.75
N CYS B 186 -3.61 -20.06 -2.89
CA CYS B 186 -3.83 -19.15 -1.76
C CYS B 186 -5.01 -18.22 -1.92
N SER B 187 -5.70 -18.33 -3.05
CA SER B 187 -6.88 -17.53 -3.32
C SER B 187 -7.81 -18.46 -4.02
N CYS B 188 -9.11 -18.23 -3.91
CA CYS B 188 -10.06 -19.11 -4.58
C CYS B 188 -10.72 -18.42 -5.74
N GLY B 189 -11.27 -19.22 -6.65
CA GLY B 189 -11.98 -18.70 -7.81
C GLY B 189 -13.05 -19.69 -8.25
N ILE B 190 -13.62 -19.45 -9.43
CA ILE B 190 -14.63 -20.36 -9.95
C ILE B 190 -13.90 -21.49 -10.65
N ASP B 191 -14.48 -22.69 -10.57
CA ASP B 191 -13.87 -23.88 -11.15
C ASP B 191 -13.79 -23.83 -12.67
N TYR B 192 -12.65 -23.43 -13.22
CA TYR B 192 -12.49 -23.40 -14.66
C TYR B 192 -11.70 -24.60 -15.03
N TYR B 193 -11.07 -25.19 -14.02
CA TYR B 193 -10.17 -26.32 -14.24
C TYR B 193 -10.82 -27.64 -14.53
N THR B 194 -11.77 -28.08 -13.72
CA THR B 194 -12.39 -29.40 -13.91
C THR B 194 -13.82 -29.34 -14.43
N PRO B 195 -14.27 -30.43 -15.07
CA PRO B 195 -15.63 -30.53 -15.61
C PRO B 195 -16.66 -30.82 -14.52
N HIS B 196 -16.21 -31.44 -13.42
CA HIS B 196 -17.06 -31.82 -12.28
C HIS B 196 -18.53 -31.68 -12.60
N GLU B 197 -19.03 -32.64 -13.38
CA GLU B 197 -20.43 -32.65 -13.82
C GLU B 197 -21.34 -32.66 -12.63
N GLU B 198 -20.89 -33.29 -11.55
CA GLU B 198 -21.64 -33.39 -10.31
C GLU B 198 -22.03 -32.02 -9.80
N THR B 199 -21.60 -30.95 -10.47
CA THR B 199 -21.90 -29.63 -9.97
C THR B 199 -22.10 -28.63 -11.12
N ASN B 200 -22.01 -29.12 -12.36
CA ASN B 200 -22.21 -28.32 -13.58
C ASN B 200 -21.27 -27.16 -13.71
N ASN B 201 -19.97 -27.42 -13.63
CA ASN B 201 -18.99 -26.36 -13.75
C ASN B 201 -18.98 -25.76 -15.14
N GLU B 202 -18.93 -26.62 -16.16
CA GLU B 202 -18.85 -26.18 -17.53
C GLU B 202 -19.99 -25.24 -17.94
N SER B 203 -21.17 -25.38 -17.33
CA SER B 203 -22.28 -24.50 -17.68
C SER B 203 -22.17 -23.19 -16.94
N PHE B 204 -21.95 -23.23 -15.63
CA PHE B 204 -21.84 -21.99 -14.84
C PHE B 204 -20.78 -21.03 -15.41
N VAL B 205 -19.72 -21.56 -16.01
CA VAL B 205 -18.67 -20.72 -16.58
C VAL B 205 -19.18 -19.98 -17.83
N ILE B 206 -19.79 -20.69 -18.76
CA ILE B 206 -20.31 -20.05 -19.98
C ILE B 206 -21.30 -18.97 -19.58
N TYR B 207 -22.14 -19.28 -18.61
CA TYR B 207 -23.15 -18.37 -18.09
C TYR B 207 -22.49 -17.11 -17.65
N MET B 208 -21.49 -17.28 -16.79
CA MET B 208 -20.74 -16.19 -16.22
C MET B 208 -19.99 -15.38 -17.25
N PHE B 209 -19.21 -16.03 -18.11
CA PHE B 209 -18.46 -15.28 -19.09
C PHE B 209 -19.37 -14.50 -20.02
N VAL B 210 -20.67 -14.83 -20.05
CA VAL B 210 -21.59 -14.09 -20.92
C VAL B 210 -22.46 -13.13 -20.10
N VAL B 211 -23.27 -13.65 -19.19
CA VAL B 211 -24.15 -12.79 -18.38
C VAL B 211 -23.39 -11.81 -17.50
N HIS B 212 -22.21 -12.17 -16.99
CA HIS B 212 -21.47 -11.26 -16.09
C HIS B 212 -20.09 -10.86 -16.61
N PHE B 213 -19.97 -10.64 -17.91
CA PHE B 213 -18.70 -10.20 -18.47
C PHE B 213 -18.94 -9.65 -19.87
N ILE B 214 -19.11 -10.52 -20.85
CA ILE B 214 -19.34 -10.07 -22.22
C ILE B 214 -20.50 -9.10 -22.34
N ILE B 215 -21.71 -9.49 -21.93
CA ILE B 215 -22.85 -8.58 -22.04
C ILE B 215 -22.50 -7.23 -21.42
N PRO B 216 -22.33 -7.16 -20.08
CA PRO B 216 -21.99 -5.86 -19.45
C PRO B 216 -20.99 -5.03 -20.21
N LEU B 217 -19.92 -5.67 -20.70
CA LEU B 217 -18.90 -4.95 -21.45
C LEU B 217 -19.46 -4.41 -22.75
N ILE B 218 -20.29 -5.20 -23.44
CA ILE B 218 -20.91 -4.74 -24.68
C ILE B 218 -21.72 -3.48 -24.38
N VAL B 219 -22.63 -3.55 -23.42
CA VAL B 219 -23.43 -2.38 -23.07
C VAL B 219 -22.56 -1.20 -22.74
N ILE B 220 -21.62 -1.37 -21.82
CA ILE B 220 -20.73 -0.28 -21.41
C ILE B 220 -19.93 0.27 -22.57
N PHE B 221 -19.36 -0.58 -23.40
CA PHE B 221 -18.59 -0.09 -24.54
C PHE B 221 -19.48 0.64 -25.52
N PHE B 222 -20.74 0.23 -25.58
CA PHE B 222 -21.74 0.82 -26.48
C PHE B 222 -22.13 2.21 -26.00
N CYS B 223 -22.57 2.31 -24.75
CA CYS B 223 -22.96 3.58 -24.17
C CYS B 223 -21.79 4.53 -24.23
N TYR B 224 -20.63 4.01 -24.58
CA TYR B 224 -19.49 4.88 -24.71
C TYR B 224 -19.48 5.35 -26.14
N GLY B 225 -20.13 4.60 -27.02
CA GLY B 225 -20.19 4.98 -28.42
C GLY B 225 -21.16 6.14 -28.60
N GLN B 226 -22.28 6.08 -27.88
CA GLN B 226 -23.32 7.11 -27.94
C GLN B 226 -22.73 8.44 -27.53
N LEU B 227 -22.00 8.47 -26.42
CA LEU B 227 -21.39 9.70 -25.98
C LEU B 227 -20.03 9.89 -26.66
N VAL B 228 -20.01 9.69 -27.98
CA VAL B 228 -18.79 9.87 -28.78
C VAL B 228 -18.90 11.19 -29.53
N PHE B 229 -20.09 11.48 -30.07
CA PHE B 229 -20.35 12.72 -30.82
C PHE B 229 -20.52 13.86 -29.83
N THR B 230 -21.40 13.67 -28.84
CA THR B 230 -21.65 14.67 -27.82
C THR B 230 -20.41 14.81 -26.94
N VAL B 231 -20.57 14.92 -25.62
CA VAL B 231 -19.44 15.07 -24.69
C VAL B 231 -18.25 14.20 -25.10
N LYS B 232 -17.03 14.72 -24.94
CA LYS B 232 -15.82 13.98 -25.31
C LYS B 232 -14.77 14.14 -24.22
N GLU B 233 -13.51 13.96 -24.62
CA GLU B 233 -12.37 14.09 -23.72
C GLU B 233 -11.96 15.55 -23.64
N ALA B 234 -12.11 16.28 -24.74
CA ALA B 234 -11.77 17.70 -24.76
C ALA B 234 -12.74 18.48 -23.87
N ALA B 235 -12.21 19.09 -22.81
CA ALA B 235 -13.02 19.87 -21.87
C ALA B 235 -12.23 21.10 -21.41
N ALA B 236 -12.61 22.28 -21.92
CA ALA B 236 -11.93 23.53 -21.59
C ALA B 236 -12.11 23.88 -20.12
N GLN B 237 -11.69 25.10 -19.76
CA GLN B 237 -11.77 25.55 -18.38
C GLN B 237 -13.22 25.69 -17.90
N GLN B 238 -13.45 26.67 -17.03
CA GLN B 238 -14.78 26.91 -16.46
C GLN B 238 -15.83 27.15 -17.54
N GLN B 239 -16.55 26.08 -17.94
CA GLN B 239 -17.62 26.14 -18.94
C GLN B 239 -17.16 25.74 -20.35
N GLU B 240 -18.13 25.35 -21.18
CA GLU B 240 -17.89 24.94 -22.57
C GLU B 240 -19.15 25.23 -23.39
N SER B 241 -20.28 25.25 -22.69
CA SER B 241 -21.61 25.53 -23.25
C SER B 241 -22.49 25.79 -22.04
N ALA B 242 -21.77 26.00 -20.93
CA ALA B 242 -22.28 26.25 -19.59
C ALA B 242 -21.29 25.54 -18.69
N THR B 243 -21.01 26.06 -17.50
CA THR B 243 -20.06 25.38 -16.63
C THR B 243 -20.70 24.11 -16.13
N THR B 244 -22.03 24.05 -16.19
CA THR B 244 -22.78 22.86 -15.76
C THR B 244 -22.60 21.79 -16.82
N GLN B 245 -22.41 22.25 -18.05
CA GLN B 245 -22.19 21.35 -19.18
C GLN B 245 -20.73 20.94 -19.17
N LYS B 246 -19.88 21.83 -18.67
CA LYS B 246 -18.44 21.57 -18.60
C LYS B 246 -18.08 20.90 -17.27
N ALA B 247 -19.04 20.82 -16.35
CA ALA B 247 -18.79 20.18 -15.06
C ALA B 247 -19.24 18.75 -15.14
N GLU B 248 -20.10 18.44 -16.11
CA GLU B 248 -20.58 17.09 -16.27
C GLU B 248 -19.61 16.33 -17.11
N LYS B 249 -18.82 17.06 -17.89
CA LYS B 249 -17.86 16.40 -18.75
C LYS B 249 -16.72 15.86 -17.94
N GLU B 250 -16.70 16.10 -16.64
CA GLU B 250 -15.61 15.57 -15.81
C GLU B 250 -16.09 14.31 -15.16
N VAL B 251 -17.35 14.27 -14.76
CA VAL B 251 -17.88 13.05 -14.16
C VAL B 251 -17.82 11.98 -15.24
N THR B 252 -17.92 12.39 -16.50
CA THR B 252 -17.87 11.45 -17.61
C THR B 252 -16.43 10.94 -17.76
N ARG B 253 -15.47 11.85 -17.73
CA ARG B 253 -14.06 11.47 -17.85
C ARG B 253 -13.63 10.59 -16.68
N MET B 254 -14.36 10.63 -15.58
CA MET B 254 -14.02 9.78 -14.46
C MET B 254 -14.59 8.43 -14.76
N VAL B 255 -15.87 8.39 -15.10
CA VAL B 255 -16.54 7.15 -15.42
C VAL B 255 -15.76 6.39 -16.47
N ILE B 256 -15.10 7.09 -17.38
CA ILE B 256 -14.32 6.38 -18.39
C ILE B 256 -13.05 5.82 -17.77
N ILE B 257 -12.37 6.62 -16.94
CA ILE B 257 -11.15 6.18 -16.28
C ILE B 257 -11.48 5.01 -15.36
N MET B 258 -12.63 5.06 -14.71
CA MET B 258 -13.05 3.98 -13.85
C MET B 258 -13.12 2.69 -14.65
N VAL B 259 -13.61 2.76 -15.88
CA VAL B 259 -13.71 1.57 -16.71
C VAL B 259 -12.32 1.13 -17.16
N ILE B 260 -11.48 2.06 -17.63
CA ILE B 260 -10.12 1.68 -18.04
C ILE B 260 -9.47 0.88 -16.91
N ALA B 261 -9.58 1.42 -15.69
CA ALA B 261 -9.00 0.81 -14.49
C ALA B 261 -9.56 -0.59 -14.28
N PHE B 262 -10.86 -0.75 -14.48
CA PHE B 262 -11.50 -2.04 -14.31
C PHE B 262 -10.92 -3.05 -15.25
N LEU B 263 -10.71 -2.63 -16.49
CA LEU B 263 -10.19 -3.54 -17.51
C LEU B 263 -8.78 -3.97 -17.20
N ILE B 264 -7.93 -3.05 -16.77
CA ILE B 264 -6.57 -3.38 -16.43
C ILE B 264 -6.53 -4.33 -15.25
N CYS B 265 -7.44 -4.16 -14.30
CA CYS B 265 -7.47 -5.02 -13.12
C CYS B 265 -8.04 -6.38 -13.42
N TRP B 266 -8.96 -6.50 -14.38
CA TRP B 266 -9.62 -7.78 -14.60
C TRP B 266 -9.43 -8.48 -15.93
N LEU B 267 -9.00 -7.81 -16.98
CA LEU B 267 -8.84 -8.52 -18.24
C LEU B 267 -7.80 -9.60 -18.09
N PRO B 268 -6.58 -9.26 -17.60
CA PRO B 268 -5.54 -10.28 -17.43
C PRO B 268 -6.10 -11.52 -16.76
N TYR B 269 -6.72 -11.36 -15.59
CA TYR B 269 -7.31 -12.48 -14.88
C TYR B 269 -8.37 -13.18 -15.73
N ALA B 270 -9.42 -12.47 -16.11
CA ALA B 270 -10.47 -13.09 -16.91
C ALA B 270 -9.83 -13.85 -18.08
N GLY B 271 -8.84 -13.23 -18.72
CA GLY B 271 -8.18 -13.89 -19.83
C GLY B 271 -7.59 -15.22 -19.42
N VAL B 272 -6.71 -15.20 -18.43
CA VAL B 272 -6.05 -16.40 -17.95
C VAL B 272 -7.07 -17.44 -17.62
N ALA B 273 -8.19 -17.00 -17.03
CA ALA B 273 -9.29 -17.88 -16.63
C ALA B 273 -9.95 -18.51 -17.85
N PHE B 274 -10.16 -17.71 -18.89
CA PHE B 274 -10.79 -18.22 -20.10
C PHE B 274 -9.87 -19.17 -20.80
N TYR B 275 -8.57 -18.90 -20.79
CA TYR B 275 -7.60 -19.78 -21.41
C TYR B 275 -7.65 -21.16 -20.78
N ILE B 276 -7.56 -21.20 -19.46
CA ILE B 276 -7.59 -22.46 -18.73
C ILE B 276 -8.88 -23.21 -19.00
N PHE B 277 -10.01 -22.51 -19.02
CA PHE B 277 -11.30 -23.17 -19.25
C PHE B 277 -11.29 -23.88 -20.59
N THR B 278 -10.53 -23.35 -21.54
CA THR B 278 -10.46 -23.96 -22.84
C THR B 278 -9.17 -24.77 -22.95
N HIS B 279 -8.46 -25.02 -21.86
CA HIS B 279 -7.23 -25.84 -21.92
C HIS B 279 -7.06 -26.60 -20.62
N GLN B 280 -8.17 -27.08 -20.09
CA GLN B 280 -8.18 -27.83 -18.85
C GLN B 280 -7.22 -29.01 -18.99
N GLY B 281 -6.48 -29.33 -17.93
CA GLY B 281 -5.57 -30.45 -18.00
C GLY B 281 -4.26 -30.12 -18.67
N SER B 282 -4.22 -29.03 -19.42
CA SER B 282 -3.00 -28.62 -20.10
C SER B 282 -1.95 -28.32 -19.08
N ASP B 283 -0.73 -28.07 -19.53
CA ASP B 283 0.40 -27.86 -18.63
C ASP B 283 0.71 -26.44 -18.24
N PHE B 284 -0.03 -25.89 -17.28
CA PHE B 284 0.25 -24.53 -16.78
C PHE B 284 0.71 -24.69 -15.34
N GLY B 285 1.37 -23.68 -14.77
CA GLY B 285 1.86 -23.80 -13.40
C GLY B 285 1.19 -22.91 -12.37
N PRO B 286 1.67 -22.93 -11.13
CA PRO B 286 1.04 -22.09 -10.11
C PRO B 286 1.14 -20.59 -10.30
N ILE B 287 2.25 -20.08 -10.82
CA ILE B 287 2.42 -18.64 -11.01
C ILE B 287 1.47 -18.14 -12.07
N PHE B 288 1.12 -19.02 -13.01
CA PHE B 288 0.23 -18.67 -14.12
C PHE B 288 -0.99 -17.89 -13.64
N MET B 289 -1.78 -18.44 -12.72
CA MET B 289 -2.95 -17.73 -12.25
C MET B 289 -2.65 -16.84 -11.07
N THR B 290 -1.57 -17.08 -10.33
CA THR B 290 -1.31 -16.24 -9.17
C THR B 290 -1.12 -14.77 -9.50
N ILE B 291 -0.25 -14.45 -10.45
CA ILE B 291 0.03 -13.06 -10.82
C ILE B 291 -1.21 -12.31 -11.24
N PRO B 292 -1.98 -12.83 -12.19
CA PRO B 292 -3.16 -12.05 -12.52
C PRO B 292 -4.15 -12.00 -11.37
N ALA B 293 -4.30 -13.13 -10.68
CA ALA B 293 -5.26 -13.24 -9.59
C ALA B 293 -4.99 -12.29 -8.42
N PHE B 294 -3.73 -12.15 -7.97
CA PHE B 294 -3.47 -11.28 -6.84
C PHE B 294 -3.40 -9.84 -7.25
N PHE B 295 -3.45 -9.58 -8.55
CA PHE B 295 -3.39 -8.19 -9.02
C PHE B 295 -4.81 -7.61 -9.08
N ALA B 296 -5.79 -8.43 -9.47
CA ALA B 296 -7.17 -7.97 -9.55
C ALA B 296 -7.66 -7.65 -8.18
N LYS B 297 -6.90 -8.02 -7.14
CA LYS B 297 -7.36 -7.71 -5.80
C LYS B 297 -7.16 -6.25 -5.51
N THR B 298 -6.43 -5.53 -6.36
CA THR B 298 -6.27 -4.10 -6.11
C THR B 298 -7.59 -3.44 -6.41
N SER B 299 -8.53 -4.20 -6.95
CA SER B 299 -9.84 -3.68 -7.26
C SER B 299 -10.44 -3.05 -6.03
N ALA B 300 -10.08 -3.58 -4.88
CA ALA B 300 -10.64 -3.09 -3.64
C ALA B 300 -10.17 -1.70 -3.27
N VAL B 301 -9.33 -1.05 -4.06
CA VAL B 301 -8.87 0.27 -3.61
C VAL B 301 -8.61 1.30 -4.71
N TYR B 302 -8.50 0.90 -5.97
CA TYR B 302 -8.21 1.89 -7.00
C TYR B 302 -9.35 2.85 -7.27
N ASN B 303 -10.58 2.50 -6.90
CA ASN B 303 -11.71 3.39 -7.17
C ASN B 303 -11.65 4.63 -6.31
N PRO B 304 -11.66 4.51 -4.97
CA PRO B 304 -11.60 5.70 -4.14
C PRO B 304 -10.45 6.62 -4.51
N VAL B 305 -9.44 6.10 -5.19
CA VAL B 305 -8.31 6.93 -5.59
C VAL B 305 -8.68 7.79 -6.77
N ILE B 306 -9.26 7.19 -7.79
CA ILE B 306 -9.68 7.93 -8.98
C ILE B 306 -10.56 9.07 -8.54
N TYR B 307 -11.55 8.73 -7.73
CA TYR B 307 -12.53 9.64 -7.16
C TYR B 307 -11.85 10.83 -6.48
N ILE B 308 -10.93 10.59 -5.56
CA ILE B 308 -10.27 11.68 -4.84
C ILE B 308 -9.39 12.50 -5.74
N MET B 309 -9.10 12.04 -6.93
CA MET B 309 -8.23 12.81 -7.80
C MET B 309 -8.96 13.37 -8.98
N MET B 310 -10.13 12.82 -9.28
CA MET B 310 -10.88 13.27 -10.44
C MET B 310 -12.17 13.97 -10.08
N ASN B 311 -12.55 14.02 -8.82
CA ASN B 311 -13.79 14.71 -8.50
C ASN B 311 -13.57 15.84 -7.51
N LYS B 312 -13.33 17.04 -8.04
CA LYS B 312 -13.08 18.25 -7.25
C LYS B 312 -14.00 18.33 -6.06
N GLN B 313 -15.29 18.18 -6.33
CA GLN B 313 -16.28 18.27 -5.29
C GLN B 313 -15.99 17.28 -4.18
N PHE B 314 -15.94 15.98 -4.48
CA PHE B 314 -15.69 14.98 -3.44
C PHE B 314 -14.42 15.29 -2.71
N ARG B 315 -13.35 15.58 -3.46
CA ARG B 315 -12.05 15.85 -2.87
C ARG B 315 -12.13 16.90 -1.78
N ASN B 316 -12.68 18.07 -2.12
CA ASN B 316 -12.76 19.17 -1.17
C ASN B 316 -13.59 18.79 0.02
N CYS B 317 -14.70 18.11 -0.19
CA CYS B 317 -15.53 17.75 0.94
C CYS B 317 -14.73 16.85 1.88
N MET B 318 -13.84 16.03 1.31
CA MET B 318 -13.00 15.12 2.08
C MET B 318 -12.05 15.88 2.99
N VAL B 319 -11.29 16.81 2.42
CA VAL B 319 -10.35 17.60 3.18
C VAL B 319 -11.09 18.34 4.28
N THR B 320 -12.32 18.77 4.01
CA THR B 320 -13.09 19.46 5.03
C THR B 320 -13.28 18.50 6.21
N THR B 321 -13.64 17.25 5.94
CA THR B 321 -13.85 16.27 7.01
C THR B 321 -12.55 15.95 7.76
N LEU B 322 -11.44 15.84 7.04
CA LEU B 322 -10.16 15.54 7.66
C LEU B 322 -9.66 16.72 8.48
N CYS B 323 -10.05 17.93 8.10
CA CYS B 323 -9.60 19.10 8.83
C CYS B 323 -10.63 19.42 9.86
N CYS B 324 -11.19 18.34 10.42
CA CYS B 324 -12.18 18.41 11.48
C CYS B 324 -13.21 19.49 11.19
N GLY B 325 -13.10 20.62 11.89
CA GLY B 325 -14.05 21.69 11.69
C GLY B 325 -14.25 22.05 10.23
N LYS B 326 -13.73 23.20 9.84
CA LYS B 326 -13.89 23.64 8.46
C LYS B 326 -12.56 23.64 7.78
N ASN B 327 -11.88 24.78 7.78
CA ASN B 327 -10.58 24.90 7.13
C ASN B 327 -10.65 24.31 5.73
N PRO B 328 -11.61 24.74 4.90
CA PRO B 328 -11.72 24.19 3.55
C PRO B 328 -10.51 24.59 2.73
N LEU B 329 -9.85 25.66 3.16
CA LEU B 329 -8.67 26.18 2.48
C LEU B 329 -8.87 26.08 0.98
N GLY B 330 -8.09 25.24 0.31
CA GLY B 330 -8.19 25.08 -1.13
C GLY B 330 -8.80 26.27 -1.87
N ASP B 331 -9.70 25.98 -2.81
CA ASP B 331 -10.38 27.01 -3.58
C ASP B 331 -11.83 26.63 -3.69
N ASP B 332 -12.30 25.89 -2.68
CA ASP B 332 -13.67 25.40 -2.57
C ASP B 332 -14.13 24.75 -3.86
N GLU B 333 -15.11 23.87 -3.73
CA GLU B 333 -15.66 23.15 -4.86
C GLU B 333 -15.88 24.09 -6.04
N ALA B 334 -16.26 25.34 -5.74
CA ALA B 334 -16.53 26.39 -6.75
C ALA B 334 -18.03 26.44 -7.05
N SER B 335 -18.66 25.27 -7.20
CA SER B 335 -20.09 25.18 -7.45
C SER B 335 -20.82 24.94 -6.13
N THR B 336 -21.09 23.68 -5.81
CA THR B 336 -21.75 23.30 -4.57
C THR B 336 -20.69 22.88 -3.54
N THR B 337 -21.05 22.63 -2.28
CA THR B 337 -20.06 22.25 -1.26
C THR B 337 -20.68 21.44 -0.10
N VAL B 338 -21.20 22.12 0.90
CA VAL B 338 -21.84 21.52 2.09
C VAL B 338 -20.93 20.57 2.89
N SER B 339 -21.54 19.97 3.92
CA SER B 339 -20.87 19.03 4.81
C SER B 339 -21.94 18.41 5.70
N LYS B 340 -21.61 18.10 6.97
CA LYS B 340 -22.57 17.49 7.89
C LYS B 340 -23.51 18.56 8.44
N THR B 341 -23.00 19.78 8.59
CA THR B 341 -23.81 20.88 9.11
C THR B 341 -23.26 22.23 8.67
N GLU B 342 -21.97 22.45 8.92
CA GLU B 342 -21.28 23.71 8.60
C GLU B 342 -21.79 24.36 7.30
N THR B 343 -21.29 23.89 6.15
CA THR B 343 -21.68 24.42 4.84
C THR B 343 -22.80 23.58 4.22
N SER B 344 -23.43 22.71 5.01
CA SER B 344 -24.50 21.82 4.55
C SER B 344 -25.66 22.60 3.92
N GLN B 345 -25.69 23.91 4.15
CA GLN B 345 -26.71 24.79 3.62
C GLN B 345 -27.00 24.45 2.16
N VAL B 346 -28.28 24.17 1.87
CA VAL B 346 -28.69 23.81 0.51
C VAL B 346 -29.10 25.04 -0.29
N ALA B 347 -28.96 24.94 -1.60
CA ALA B 347 -29.33 26.00 -2.54
C ALA B 347 -29.71 25.34 -3.86
N PRO B 348 -30.64 24.36 -3.84
CA PRO B 348 -31.16 23.59 -4.96
C PRO B 348 -31.96 24.28 -6.08
N ALA B 349 -33.28 24.45 -5.89
CA ALA B 349 -34.15 25.06 -6.91
C ALA B 349 -35.40 25.73 -6.31
C1 NAG C . 15.63 33.63 -13.56
C2 NAG C . 15.79 34.10 -12.12
C3 NAG C . 14.68 35.08 -11.73
C4 NAG C . 14.59 36.22 -12.75
C5 NAG C . 14.46 35.65 -14.17
C6 NAG C . 14.56 36.75 -15.18
C7 NAG C . 16.70 32.82 -10.31
C8 NAG C . 18.15 33.04 -10.73
N2 NAG C . 15.76 32.96 -11.23
O3 NAG C . 14.97 35.63 -10.45
O4 NAG C . 13.42 37.02 -12.47
O5 NAG C . 15.57 34.75 -14.46
O6 NAG C . 15.80 37.43 -15.07
O7 NAG C . 16.45 32.51 -9.14
C1 NAG C . 13.56 38.09 -11.60
C2 NAG C . 12.88 39.31 -12.20
C3 NAG C . 12.89 40.48 -11.21
C4 NAG C . 12.38 40.07 -9.81
C5 NAG C . 13.09 38.78 -9.36
C6 NAG C . 12.60 38.22 -8.03
C7 NAG C . 13.01 39.69 -14.60
C8 NAG C . 11.93 38.64 -14.89
N2 NAG C . 13.60 39.69 -13.40
O3 NAG C . 12.10 41.53 -11.71
O4 NAG C . 12.70 41.13 -8.89
O5 NAG C . 12.94 37.75 -10.36
O6 NAG C . 13.56 38.43 -7.00
O7 NAG C . 13.32 40.50 -15.46
C1 MAN C . 11.66 41.70 -8.17
C2 MAN C . 11.63 43.22 -8.43
C3 MAN C . 10.51 43.86 -7.62
C4 MAN C . 10.68 43.53 -6.14
C5 MAN C . 10.90 42.01 -5.88
C6 MAN C . 9.66 41.16 -6.00
O2 MAN C . 11.45 43.49 -9.82
O3 MAN C . 9.25 43.39 -8.07
O4 MAN C . 11.78 44.26 -5.61
O5 MAN C . 11.91 41.46 -6.78
O6 MAN C . 9.49 40.36 -4.83
C1 NAG D . 27.18 21.66 -17.36
C2 NAG D . 28.59 21.74 -16.83
C3 NAG D . 29.57 21.11 -17.79
C4 NAG D . 29.14 19.69 -18.15
C5 NAG D . 27.66 19.65 -18.59
C6 NAG D . 27.17 18.22 -18.65
C7 NAG D . 29.37 23.51 -15.39
C8 NAG D . 30.81 23.23 -15.01
N2 NAG D . 28.96 23.13 -16.60
O3 NAG D . 30.83 21.05 -17.15
O4 NAG D . 29.98 19.17 -19.22
O5 NAG D . 26.83 20.29 -17.60
O6 NAG D . 26.99 17.70 -17.35
O7 NAG D . 28.63 24.04 -14.59
C1 NAG D . 30.93 18.23 -18.84
C2 NAG D . 31.33 17.39 -20.05
C3 NAG D . 32.38 16.37 -19.59
C4 NAG D . 33.57 17.06 -18.93
C5 NAG D . 33.07 18.00 -17.82
C6 NAG D . 34.17 18.86 -17.22
C7 NAG D . 29.49 17.26 -21.59
C8 NAG D . 28.17 16.61 -21.97
N2 NAG D . 30.17 16.71 -20.59
O3 NAG D . 32.86 15.61 -20.70
O4 NAG D . 34.46 16.08 -18.39
O5 NAG D . 32.08 18.91 -18.34
O6 NAG D . 33.73 19.52 -16.04
O7 NAG D . 29.88 18.26 -22.20
C1 NAG E . 0.59 -37.37 -4.45
C2 NAG E . -0.72 -37.50 -3.65
C3 NAG E . -0.47 -38.07 -2.25
C4 NAG E . 0.38 -39.33 -2.31
C5 NAG E . 1.67 -39.04 -3.08
C6 NAG E . 2.56 -40.25 -3.23
C7 NAG E . -2.38 -35.81 -4.12
C8 NAG E . -3.00 -36.77 -5.12
N2 NAG E . -1.27 -36.17 -3.50
O3 NAG E . -1.71 -38.35 -1.64
O4 NAG E . 0.71 -39.78 -0.99
O5 NAG E . 1.35 -38.60 -4.42
O6 NAG E . 1.85 -41.32 -3.86
O7 NAG E . -2.92 -34.72 -3.90
C1 NAG E . -0.31 -40.19 -0.14
C2 NAG E . 0.25 -41.26 0.79
C3 NAG E . -0.75 -41.64 1.86
C4 NAG E . -1.23 -40.40 2.62
C5 NAG E . -1.73 -39.37 1.58
C6 NAG E . -2.18 -38.05 2.15
C7 NAG E . 1.92 -42.67 -0.14
C8 NAG E . 2.30 -43.97 -0.82
N2 NAG E . 0.63 -42.42 0.04
O3 NAG E . -0.16 -42.53 2.78
O4 NAG E . -2.31 -40.80 3.49
O5 NAG E . -0.71 -39.07 0.62
O6 NAG E . -2.06 -37.03 1.18
O7 NAG E . 2.80 -41.90 0.22
C1 BMA E . -2.35 -40.28 4.77
C2 BMA E . -3.80 -40.10 5.19
C3 BMA E . -3.86 -39.54 6.61
C4 BMA E . -3.02 -40.41 7.59
C5 BMA E . -1.62 -40.70 7.00
C6 BMA E . -0.81 -41.69 7.82
O2 BMA E . -4.48 -41.35 5.16
O3 BMA E . -5.24 -39.50 7.03
O4 BMA E . -2.89 -39.75 8.83
O5 BMA E . -1.73 -41.22 5.65
O6 BMA E . 0.49 -41.20 8.09
C1 BMA E . -5.56 -38.89 8.26
C2 BMA E . -5.04 -37.45 8.28
C3 BMA E . -5.41 -36.76 9.61
C4 BMA E . -6.91 -36.87 9.87
C5 BMA E . -7.39 -38.33 9.74
C6 BMA E . -8.90 -38.43 9.77
O2 BMA E . -5.62 -36.76 7.18
O3 BMA E . -5.01 -35.40 9.59
O4 BMA E . -7.20 -36.38 11.18
O5 BMA E . -6.97 -38.89 8.48
O6 BMA E . -9.45 -38.06 8.51
C1 NAG F . -0.44 -32.09 -20.56
C2 NAG F . -1.60 -32.48 -21.48
C3 NAG F . -1.16 -32.40 -22.95
C4 NAG F . -0.41 -31.10 -23.27
C5 NAG F . 0.61 -30.75 -22.20
C6 NAG F . 1.08 -29.34 -22.40
C7 NAG F . -2.95 -34.09 -20.25
C8 NAG F . -2.55 -35.13 -19.21
N2 NAG F . -2.05 -33.84 -21.21
O3 NAG F . -2.32 -32.50 -23.77
O4 NAG F . 0.28 -31.20 -24.53
O5 NAG F . 0.02 -30.79 -20.90
O6 NAG F . -0.01 -28.44 -22.17
O7 NAG F . -4.04 -33.51 -20.18
C1 NAG F . -0.30 -30.51 -25.57
C2 NAG F . 0.73 -30.33 -26.68
C3 NAG F . 0.07 -29.68 -27.89
C4 NAG F . -1.14 -30.50 -28.35
C5 NAG F . -2.10 -30.71 -27.16
C6 NAG F . -3.24 -31.67 -27.50
C7 NAG F . 3.06 -29.76 -26.48
C8 NAG F . 3.70 -29.08 -27.70
N2 NAG F . 1.79 -29.47 -26.20
O3 NAG F . 1.01 -29.58 -28.95
O4 NAG F . -1.80 -29.81 -29.41
O5 NAG F . -1.39 -31.30 -26.04
O6 NAG F . -2.96 -33.01 -27.09
O7 NAG F . 3.72 -30.55 -25.82
HG HG G . 12.17 0.32 0.80
HG HG H . 25.17 -9.91 12.49
HG HG I . 1.66 -13.35 21.07
ZN ZN J . 32.24 19.91 -3.98
ZN ZN K . -0.28 -19.13 12.25
ZN ZN L . 23.58 9.24 12.21
ZN ZN M . 24.63 31.89 1.81
C1 RET N . 22.35 8.52 3.68
C2 RET N . 22.58 6.99 3.66
C3 RET N . 21.97 6.21 4.77
C4 RET N . 20.49 6.51 4.94
C5 RET N . 20.17 8.00 4.98
C6 RET N . 20.97 8.95 4.33
C7 RET N . 20.54 10.37 4.19
C8 RET N . 19.34 11.00 4.02
C9 RET N . 19.10 12.44 3.92
C10 RET N . 17.85 12.89 3.59
C11 RET N . 16.75 12.11 3.09
C12 RET N . 15.63 12.76 2.65
C13 RET N . 14.58 12.13 1.87
C14 RET N . 13.41 12.81 1.77
C15 RET N . 12.31 12.45 0.91
C16 RET N . 23.55 9.12 4.45
C17 RET N . 22.46 8.93 2.19
C18 RET N . 18.94 8.24 5.82
C19 RET N . 20.30 13.35 4.19
C20 RET N . 14.83 10.79 1.22
C1 PLM O . -10.43 -10.97 14.93
O2 PLM O . -11.45 -10.43 15.33
C2 PLM O . -10.19 -11.08 13.43
C3 PLM O . -9.14 -10.06 12.91
C4 PLM O . -9.75 -8.92 12.08
C5 PLM O . -8.75 -7.79 11.91
C6 PLM O . -8.96 -7.03 10.61
C7 PLM O . -7.71 -6.24 10.23
C8 PLM O . -7.99 -4.73 10.04
C9 PLM O . -6.81 -3.83 10.44
CA PLM O . -7.23 -2.40 10.85
CB PLM O . -6.38 -1.88 12.00
CC PLM O . -6.08 -0.38 11.88
CD PLM O . -5.32 0.12 13.09
CE PLM O . -5.91 1.42 13.60
CF PLM O . -4.84 2.41 14.06
CG PLM O . -5.47 3.74 14.54
C1 PLM P . -12.93 -6.72 18.14
O2 PLM P . -12.96 -7.95 18.13
C2 PLM P . -13.29 -5.98 16.85
C3 PLM P . -12.50 -6.43 15.62
C4 PLM P . -11.69 -5.30 14.98
C5 PLM P . -11.52 -5.52 13.47
C6 PLM P . -12.54 -4.74 12.66
C7 PLM P . -13.65 -5.65 12.13
C8 PLM P . -14.62 -4.94 11.17
C9 PLM P . -15.86 -5.80 10.87
CA PLM P . -16.15 -5.92 9.39
CB PLM P . -17.20 -4.91 8.93
CC PLM P . -17.90 -5.34 7.64
CD PLM P . -17.93 -4.23 6.62
CE PLM P . -19.33 -3.66 6.47
CF PLM P . -19.34 -2.37 5.66
CG PLM P . -20.75 -1.79 5.56
C1 PLM Q . 1.24 3.18 -3.24
C2 PLM Q . 2.17 3.31 -2.03
C3 PLM Q . 2.39 1.84 -1.55
C4 PLM Q . 3.55 1.67 -0.54
C5 PLM Q . 4.58 0.53 -0.48
C6 PLM Q . 5.21 0.28 0.88
C7 PLM Q . 6.23 -0.87 0.81
C8 PLM Q . 6.02 -1.84 1.94
C9 PLM Q . 6.89 -3.15 2.16
CA PLM Q . 7.04 -4.71 2.32
CB PLM Q . 7.86 -5.27 1.45
CC PLM Q . 9.01 -5.71 1.58
CD PLM Q . 10.20 -6.17 1.16
CE PLM Q . 11.33 -6.59 2.00
CF PLM Q . 12.25 -6.98 0.83
CG PLM Q . 13.30 -7.92 0.81
C1 HTG R . 24.40 9.63 -14.05
S1 HTG R . 24.46 8.04 -13.06
C2 HTG R . 25.00 9.38 -15.50
O2 HTG R . 26.33 8.88 -15.40
C3 HTG R . 24.95 10.75 -16.35
O3 HTG R . 25.51 10.55 -17.66
C4 HTG R . 23.43 11.25 -16.45
O4 HTG R . 23.33 12.49 -17.20
C5 HTG R . 22.81 11.47 -14.98
O5 HTG R . 22.95 10.17 -14.21
C6 HTG R . 21.31 11.91 -15.09
O6 HTG R . 21.14 13.22 -15.62
C1' HTG R . 23.81 8.13 -11.34
C2' HTG R . 24.01 6.77 -10.70
C3' HTG R . 23.50 6.76 -9.28
C4' HTG R . 23.54 5.37 -8.68
C5' HTG R . 22.15 4.82 -8.51
C6' HTG R . 22.16 3.65 -7.55
C7' HTG R . 20.95 2.77 -7.74
C1 HTG S . 10.76 -16.23 4.69
S1 HTG S . 12.17 -15.28 3.94
C2 HTG S . 11.29 -17.68 5.02
O2 HTG S . 11.78 -18.31 3.83
C3 HTG S . 10.12 -18.54 5.69
O3 HTG S . 10.59 -19.86 6.01
C4 HTG S . 9.62 -17.82 7.02
O4 HTG S . 8.56 -18.57 7.66
C5 HTG S . 9.11 -16.35 6.67
O5 HTG S . 10.27 -15.62 6.01
C6 HTG S . 8.66 -15.65 8.01
O6 HTG S . 9.64 -15.76 9.06
C1' HTG S . 12.01 -13.53 3.41
C2' HTG S . 10.54 -13.19 3.15
C3' HTG S . 10.44 -11.74 2.71
C4' HTG S . 9.02 -11.25 2.70
C5' HTG S . 8.79 -10.35 3.85
C6' HTG S . 8.32 -9.03 3.36
C7' HTG S . 7.53 -8.35 4.42
HG HG T . -6.61 -2.11 -11.35
HG HG U . -21.49 5.89 -21.38
HG HG V . -18.21 19.57 1.19
ZN ZN W . -16.81 -34.41 -6.55
ZN ZN X . -14.16 -27.94 -20.44
ZN ZN Y . -22.93 -11.28 -11.72
C1 RET Z . -14.78 -12.40 -14.48
C2 RET Z . -14.61 -11.11 -15.34
C3 RET Z . -15.19 -9.86 -14.78
C4 RET Z . -14.78 -9.60 -13.34
C5 RET Z . -14.93 -10.82 -12.43
C6 RET Z . -14.83 -12.14 -12.92
C7 RET Z . -14.74 -13.30 -11.99
C8 RET Z . -14.16 -13.47 -10.78
C9 RET Z . -14.12 -14.67 -9.94
C10 RET Z . -13.27 -14.69 -8.87
C11 RET Z . -12.11 -13.81 -8.66
C12 RET Z . -11.29 -14.08 -7.60
C13 RET Z . -9.96 -13.51 -7.41
C14 RET Z . -9.50 -13.51 -6.11
C15 RET Z . -8.18 -13.10 -5.72
C16 RET Z . -16.09 -13.08 -15.01
C17 RET Z . -13.58 -13.33 -14.88
C18 RET Z . -15.22 -10.36 -11.01
C19 RET Z . -15.03 -15.81 -10.33
C20 RET Z . -9.20 -12.98 -8.58
C1 PLM AA . -6.65 19.80 8.24
O2 PLM AA . -6.88 20.06 9.41
C2 PLM AA . -5.27 19.31 7.83
C3 PLM AA . -4.88 17.99 8.51
C4 PLM AA . -5.33 16.75 7.73
C5 PLM AA . -4.47 15.53 8.05
C6 PLM AA . -3.23 15.42 7.14
C7 PLM AA . -3.50 14.54 5.92
C8 PLM AA . -3.16 13.06 6.19
C9 PLM AA . -3.67 12.12 5.07
CA PLM AA . -4.97 11.41 5.44
CB PLM AA . -4.72 10.10 6.17
CC PLM AA . -5.59 9.95 7.42
CD PLM AA . -5.78 8.49 7.82
CE PLM AA . -7.12 8.26 8.50
CF PLM AA . -8.23 7.84 7.52
CG PLM AA . -9.56 7.56 8.24
C1 PLM BA . -8.67 18.25 12.65
O2 PLM BA . -8.61 19.35 12.10
C2 PLM BA . -7.38 17.47 12.95
C3 PLM BA . -6.64 16.90 11.73
C4 PLM BA . -5.43 16.03 12.13
C5 PLM BA . -4.22 16.87 12.53
C6 PLM BA . -3.03 16.64 11.60
C7 PLM BA . -2.30 17.95 11.30
C8 PLM BA . -0.82 17.75 10.94
C9 PLM BA . 0.11 18.49 11.90
CA PLM BA . 1.53 17.90 11.95
CB PLM BA . 1.65 16.82 13.03
CC PLM BA . 2.37 17.32 14.29
CD PLM BA . 3.72 16.64 14.51
CE PLM BA . 3.57 15.42 15.39
CF PLM BA . 4.67 14.38 15.14
CG PLM BA . 4.46 13.13 16.00
C1 HTO CA . -4.98 18.46 -8.11
O1 HTO CA . -5.82 19.43 -8.83
C2 HTO CA . -5.80 17.21 -7.84
O2 HTO CA . -6.18 16.71 -9.15
C3 HTO CA . -4.99 16.03 -7.03
O3 HTO CA . -5.86 14.94 -6.84
C4 HTO CA . -4.50 16.39 -5.59
C5 HTO CA . -3.71 15.24 -4.82
C6 HTO CA . -4.56 14.04 -4.29
C7 HTO CA . -4.33 13.78 -2.81
C1 PLM DA . -5.51 3.87 -10.46
C2 PLM DA . -4.56 4.29 -9.31
C3 PLM DA . -5.06 3.50 -8.08
C4 PLM DA . -3.95 3.16 -7.06
C5 PLM DA . -3.49 1.77 -6.65
C6 PLM DA . -3.22 1.57 -5.16
C7 PLM DA . -2.75 0.12 -4.86
C8 PLM DA . -1.69 0.11 -3.76
C9 PLM DA . -0.99 -1.20 -3.19
CA PLM DA . 0.04 -2.40 -3.31
CB PLM DA . 1.26 -2.11 -2.92
CC PLM DA . 2.27 -2.85 -2.77
CD PLM DA . 2.95 -4.01 -2.55
CE PLM DA . 4.42 -4.19 -2.48
CF PLM DA . 4.39 -5.63 -1.99
CG PLM DA . 5.37 -6.32 -1.26
C1 HTG EA . -0.28 -19.81 -22.70
S1 HTG EA . -0.82 -18.05 -22.96
C2 HTG EA . 0.98 -20.10 -23.63
O2 HTG EA . 0.62 -19.83 -24.99
C3 HTG EA . 1.47 -21.62 -23.43
O3 HTG EA . 2.58 -21.91 -24.27
C4 HTG EA . 1.84 -21.86 -21.90
O4 HTG EA . 2.30 -23.22 -21.70
C5 HTG EA . 0.58 -21.55 -20.96
O5 HTG EA . 0.14 -20.10 -21.23
C6 HTG EA . 0.97 -21.75 -19.46
O6 HTG EA . 2.14 -21.01 -19.07
C1' HTG EA . -2.27 -17.46 -22.00
C2' HTG EA . -2.57 -16.04 -22.46
C3' HTG EA . -3.77 -15.48 -21.73
C4' HTG EA . -3.46 -14.17 -21.05
C5' HTG EA . -4.48 -13.11 -21.40
C6' HTG EA . -4.05 -11.77 -20.88
C7' HTG EA . -4.63 -10.65 -21.70
C1 HTG FA . -7.05 21.42 -4.19
S1 HTG FA . -7.32 19.97 -3.04
C2 HTG FA . -8.46 22.16 -4.40
O2 HTG FA . -9.42 21.24 -4.95
C3 HTG FA . -8.27 23.42 -5.35
O3 HTG FA . -9.54 24.07 -5.56
C4 HTG FA . -7.20 24.43 -4.70
O4 HTG FA . -7.03 25.59 -5.53
C5 HTG FA . -5.78 23.68 -4.48
O5 HTG FA . -6.05 22.45 -3.60
C6 HTG FA . -4.73 24.68 -3.80
O6 HTG FA . -4.18 24.28 -2.53
C1' HTG FA . -5.90 18.93 -2.58
C2' HTG FA . -6.41 17.99 -1.50
C3' HTG FA . -5.33 17.04 -1.01
C4' HTG FA . -5.91 15.91 -0.19
C5' HTG FA . -5.11 15.72 1.07
C6' HTG FA . -6.00 15.59 2.28
C7' HTG FA . -5.50 16.44 3.41
#